data_6ZPZ
#
_entry.id   6ZPZ
#
_cell.length_a   191.630
_cell.length_b   58.090
_cell.length_c   65.710
_cell.angle_alpha   90.000
_cell.angle_beta   90.000
_cell.angle_gamma   90.000
#
_symmetry.space_group_name_H-M   'P 21 21 21'
#
loop_
_entity.id
_entity.type
_entity.pdbx_description
1 polymer MgGH51
2 branched 2-acetamido-2-deoxy-beta-D-glucopyranose-(1-4)-2-acetamido-2-deoxy-beta-D-glucopyranose
3 branched beta-D-mannopyranose-(1-4)-2-acetamido-2-deoxy-beta-D-glucopyranose-(1-4)-2-acetamido-2-deoxy-beta-D-glucopyranose
4 non-polymer 'CHLORIDE ION'
5 non-polymer '[(1~{S},2~{S},3~{S},4~{S})-2-(hydroxymethyl)-3,4-bis(oxidanyl)cyclopentyl] hydrogen sulfate'
6 water water
#
_entity_poly.entity_id   1
_entity_poly.type   'polypeptide(L)'
_entity_poly.pdbx_seq_one_letter_code
;VTVTVNKNPSHTVPSTLYGLMFEDINHSGDGGLYAELLQNRAFQQVTPNTAAALAAWHPISNAKLAVIQDPSPVSNALPN
SLQFSVPSGSSGRVGFTNEGFWGIKVDSTWTYKASLFFRFPTSSSFSGALTVGLQTNAGRVLAQNSTQIRGTTTKWTQIN
LELHPTASAPDVSNSFFVTIDGAAGAGQTINFAMFSLFPPTFKNRPNGLRADIAETLAEMGPSFFRFPGGNNLEGQTTAT
RWQWNATVGSLLDRPGRVGDWGYVNTDGLGLLEYLQFFEDTGMEPIMAVWAGYSLGGTSLAENQLAPYIQQAIDQINFVI
GDPAKSAPAALRASLGHPEPFTLRFVEVGNEDFFAAGSYPYRWHDFVTALQAQFPQIRFIATTNAWNPVLSPVPQSYDVH
VYQTPTWFYQNAFYYDGFQRNGTTYFEGEYAAISTNANDLFGTVADGRLAFPTVQSATGEAAFMTGLERNSDIVFAASYA
PLLQHVNSTQWTPDLVSYDAGSVIKSTSFFAQKLFALNKGDQYLPSTLPTNGGTLHWSITRASSSGKTFIKIANAGSSAQ
SLTFQLTQFNSVSSTGTLQVLTGPETASNTPEAPQAIVPKTSTIGTGKTFTYNAPAFSVSVITVTTN
;
_entity_poly.pdbx_strand_id   AAA
#
loop_
_chem_comp.id
_chem_comp.type
_chem_comp.name
_chem_comp.formula
BMA D-saccharide, beta linking beta-D-mannopyranose 'C6 H12 O6'
CL non-polymer 'CHLORIDE ION' 'Cl -1'
LX5 non-polymer '[(1~{S},2~{S},3~{S},4~{S})-2-(hydroxymethyl)-3,4-bis(oxidanyl)cyclopentyl] hydrogen sulfate' 'C6 H12 O7 S'
NAG D-saccharide, beta linking 2-acetamido-2-deoxy-beta-D-glucopyranose 'C8 H15 N O6'
#
# COMPACT_ATOMS: atom_id res chain seq x y z
N VAL A 1 8.82 -16.17 -34.68
CA VAL A 1 10.19 -16.39 -34.15
C VAL A 1 10.24 -17.80 -33.53
N THR A 2 11.31 -18.52 -33.78
CA THR A 2 11.57 -19.81 -33.11
C THR A 2 12.33 -19.50 -31.83
N VAL A 3 11.77 -19.95 -30.72
CA VAL A 3 12.35 -19.78 -29.36
C VAL A 3 12.78 -21.15 -28.87
N THR A 4 14.09 -21.37 -28.81
CA THR A 4 14.69 -22.57 -28.20
C THR A 4 14.80 -22.34 -26.71
N VAL A 5 14.29 -23.28 -25.95
CA VAL A 5 14.34 -23.27 -24.46
C VAL A 5 15.45 -24.23 -24.01
N ASN A 6 16.46 -23.70 -23.32
CA ASN A 6 17.54 -24.52 -22.71
CA ASN A 6 17.53 -24.53 -22.71
C ASN A 6 16.95 -25.25 -21.50
N LYS A 7 17.23 -26.54 -21.33
CA LYS A 7 16.77 -27.29 -20.12
C LYS A 7 17.71 -26.98 -18.94
N ASN A 8 18.92 -26.51 -19.21
CA ASN A 8 19.92 -26.22 -18.14
C ASN A 8 19.67 -24.82 -17.60
N PRO A 9 19.27 -24.68 -16.32
CA PRO A 9 19.01 -23.36 -15.73
C PRO A 9 20.26 -22.50 -15.67
N SER A 10 20.18 -21.19 -15.83
CA SER A 10 21.40 -20.33 -15.77
C SER A 10 21.56 -19.78 -14.37
N HIS A 11 20.47 -19.65 -13.61
CA HIS A 11 20.50 -19.08 -12.24
C HIS A 11 19.19 -19.41 -11.52
N THR A 12 19.20 -19.27 -10.21
CA THR A 12 18.01 -19.49 -9.35
C THR A 12 17.25 -18.16 -9.34
N VAL A 13 15.95 -18.23 -9.57
CA VAL A 13 15.09 -17.03 -9.56
C VAL A 13 14.91 -16.63 -8.11
N PRO A 14 15.21 -15.37 -7.74
CA PRO A 14 15.03 -14.96 -6.35
C PRO A 14 13.56 -15.12 -5.95
N SER A 15 13.33 -15.56 -4.73
CA SER A 15 11.99 -15.68 -4.10
C SER A 15 11.32 -14.30 -4.04
N THR A 16 12.13 -13.23 -4.02
CA THR A 16 11.67 -11.83 -3.81
C THR A 16 11.40 -11.10 -5.13
N LEU A 17 11.47 -11.75 -6.30
CA LEU A 17 11.52 -11.00 -7.59
C LEU A 17 10.31 -10.08 -7.71
N TYR A 18 9.11 -10.56 -7.38
CA TYR A 18 7.86 -9.75 -7.54
C TYR A 18 7.24 -9.40 -6.21
N GLY A 19 7.00 -8.10 -6.01
CA GLY A 19 6.33 -7.69 -4.76
C GLY A 19 5.77 -6.30 -4.89
N LEU A 20 5.48 -5.71 -3.73
CA LEU A 20 4.62 -4.51 -3.66
C LEU A 20 5.44 -3.38 -3.09
N MET A 21 5.09 -2.17 -3.49
CA MET A 21 5.71 -0.95 -2.98
C MET A 21 4.55 -0.16 -2.43
N PHE A 22 4.61 0.19 -1.16
CA PHE A 22 3.48 0.84 -0.47
C PHE A 22 3.98 2.07 0.25
N GLU A 23 3.23 3.12 0.08
CA GLU A 23 3.20 4.21 1.07
C GLU A 23 1.77 4.69 1.13
N ASP A 24 1.43 5.54 2.10
CA ASP A 24 0.12 6.24 2.16
C ASP A 24 0.13 7.34 1.11
N ILE A 25 -0.44 7.06 -0.07
CA ILE A 25 -0.58 7.96 -1.23
C ILE A 25 -1.93 7.67 -1.83
N ASN A 26 -2.65 8.66 -2.34
CA ASN A 26 -4.01 8.44 -2.88
C ASN A 26 -4.89 7.77 -1.81
N HIS A 27 -4.71 8.08 -0.51
CA HIS A 27 -5.44 7.40 0.60
C HIS A 27 -5.34 5.87 0.42
N SER A 28 -4.13 5.39 0.20
CA SER A 28 -3.83 3.96 0.15
C SER A 28 -3.85 3.36 1.56
N GLY A 29 -3.47 4.15 2.57
CA GLY A 29 -3.43 3.75 3.98
C GLY A 29 -4.73 4.12 4.64
N ASP A 30 -4.78 5.32 5.17
CA ASP A 30 -6.04 5.89 5.67
C ASP A 30 -6.96 6.06 4.48
N GLY A 31 -8.16 5.48 4.53
CA GLY A 31 -9.11 5.49 3.42
C GLY A 31 -8.94 4.30 2.50
N GLY A 32 -7.94 3.45 2.71
CA GLY A 32 -7.59 2.36 1.78
C GLY A 32 -7.38 1.02 2.49
N LEU A 33 -6.14 0.57 2.51
CA LEU A 33 -5.77 -0.73 3.07
C LEU A 33 -6.09 -0.77 4.57
N TYR A 34 -5.97 0.36 5.26
CA TYR A 34 -6.38 0.42 6.69
C TYR A 34 -7.91 0.50 6.80
N ALA A 35 -8.53 -0.39 7.58
CA ALA A 35 -10.00 -0.62 7.53
C ALA A 35 -10.81 0.53 8.14
N GLU A 36 -10.18 1.42 8.90
CA GLU A 36 -10.88 2.56 9.54
C GLU A 36 -11.80 3.25 8.53
N LEU A 37 -13.05 3.49 8.92
CA LEU A 37 -14.04 4.12 8.03
C LEU A 37 -14.23 5.61 8.31
N LEU A 38 -13.83 6.11 9.47
CA LEU A 38 -14.04 7.56 9.74
C LEU A 38 -12.81 8.34 9.32
N GLN A 39 -13.05 9.41 8.59
CA GLN A 39 -11.94 10.27 8.16
C GLN A 39 -11.73 11.31 9.27
N ASN A 40 -10.48 11.68 9.53
CA ASN A 40 -10.21 12.72 10.55
C ASN A 40 -10.81 12.25 11.87
N ARG A 41 -10.57 10.98 12.21
CA ARG A 41 -11.30 10.30 13.30
C ARG A 41 -10.89 10.86 14.65
N ALA A 42 -9.70 11.43 14.77
CA ALA A 42 -9.18 11.88 16.07
C ALA A 42 -8.62 13.29 16.00
N PHE A 43 -8.97 14.06 14.96
CA PHE A 43 -8.57 15.50 14.82
C PHE A 43 -7.05 15.61 14.92
N GLN A 44 -6.35 14.65 14.33
CA GLN A 44 -4.86 14.69 14.40
C GLN A 44 -4.31 15.80 13.50
N GLN A 45 -3.43 16.62 14.06
CA GLN A 45 -2.54 17.52 13.27
C GLN A 45 -3.38 18.57 12.54
N VAL A 46 -4.50 18.99 13.14
CA VAL A 46 -5.33 20.09 12.59
C VAL A 46 -5.28 21.23 13.59
N THR A 47 -5.52 22.43 13.09
CA THR A 47 -5.56 23.63 13.93
C THR A 47 -6.93 23.78 14.57
N PRO A 48 -6.97 23.84 15.91
CA PRO A 48 -8.23 24.03 16.62
C PRO A 48 -9.02 25.25 16.12
N ASN A 49 -10.33 25.11 16.12
CA ASN A 49 -11.31 26.23 15.94
C ASN A 49 -11.25 26.70 14.48
N THR A 50 -10.75 25.86 13.57
CA THR A 50 -10.76 26.13 12.12
C THR A 50 -11.74 25.17 11.46
N ALA A 51 -12.20 25.55 10.27
CA ALA A 51 -13.08 24.71 9.43
C ALA A 51 -12.34 23.40 9.09
N ALA A 52 -11.05 23.49 8.76
CA ALA A 52 -10.26 22.33 8.29
C ALA A 52 -10.17 21.31 9.43
N ALA A 53 -10.17 21.76 10.67
CA ALA A 53 -10.09 20.86 11.84
C ALA A 53 -11.32 19.96 11.85
N LEU A 54 -12.44 20.47 11.33
CA LEU A 54 -13.74 19.74 11.29
C LEU A 54 -13.88 18.94 10.00
N ALA A 55 -12.82 18.85 9.18
CA ALA A 55 -12.90 18.16 7.87
C ALA A 55 -13.54 16.79 8.09
N ALA A 56 -14.47 16.43 7.22
CA ALA A 56 -15.26 15.17 7.21
C ALA A 56 -16.40 15.16 8.23
N TRP A 57 -16.46 16.11 9.16
CA TRP A 57 -17.50 16.15 10.23
C TRP A 57 -18.53 17.24 9.95
N HIS A 58 -19.78 16.95 10.26
CA HIS A 58 -20.92 17.82 9.94
C HIS A 58 -21.91 17.76 11.08
N PRO A 59 -22.53 18.89 11.42
CA PRO A 59 -23.60 18.90 12.41
C PRO A 59 -24.84 18.14 11.90
N ILE A 60 -25.55 17.57 12.83
CA ILE A 60 -26.96 17.20 12.59
C ILE A 60 -27.80 18.24 13.31
N SER A 61 -28.75 18.82 12.59
CA SER A 61 -29.66 19.85 13.14
C SER A 61 -28.82 21.04 13.66
N ASN A 62 -29.16 21.57 14.84
CA ASN A 62 -28.56 22.84 15.33
C ASN A 62 -27.36 22.55 16.23
N ALA A 63 -26.70 21.37 16.08
CA ALA A 63 -25.47 21.04 16.82
C ALA A 63 -24.42 22.14 16.61
N LYS A 64 -23.73 22.52 17.67
CA LYS A 64 -22.54 23.41 17.60
C LYS A 64 -21.32 22.49 17.73
N LEU A 65 -20.46 22.49 16.72
CA LEU A 65 -19.21 21.70 16.74
C LEU A 65 -18.04 22.68 16.68
N ALA A 66 -16.97 22.33 17.37
CA ALA A 66 -15.67 22.97 17.22
C ALA A 66 -14.63 21.92 17.58
N VAL A 67 -13.50 21.96 16.91
CA VAL A 67 -12.35 21.16 17.39
C VAL A 67 -11.52 22.03 18.29
N ILE A 68 -11.31 21.58 19.52
CA ILE A 68 -10.64 22.41 20.56
C ILE A 68 -9.34 21.73 20.96
N GLN A 69 -8.38 22.54 21.38
CA GLN A 69 -7.20 22.06 22.11
C GLN A 69 -7.72 21.79 23.51
N ASP A 70 -8.02 20.54 23.80
CA ASP A 70 -8.79 20.20 25.01
C ASP A 70 -7.90 20.53 26.21
N PRO A 71 -8.43 21.26 27.21
CA PRO A 71 -7.69 21.47 28.47
C PRO A 71 -7.31 20.12 29.11
N SER A 72 -8.14 19.08 28.95
CA SER A 72 -7.84 17.72 29.45
C SER A 72 -8.01 16.75 28.30
N PRO A 73 -6.97 16.62 27.45
CA PRO A 73 -7.10 15.76 26.27
C PRO A 73 -7.17 14.28 26.65
N VAL A 74 -7.73 13.50 25.75
CA VAL A 74 -7.90 12.03 25.94
C VAL A 74 -6.51 11.38 26.11
N SER A 75 -5.47 11.98 25.58
CA SER A 75 -4.08 11.48 25.66
CA SER A 75 -4.07 11.48 25.66
C SER A 75 -3.09 12.59 25.30
N ASN A 76 -1.78 12.37 25.56
CA ASN A 76 -0.67 13.28 25.16
C ASN A 76 -0.64 13.36 23.63
N ALA A 77 -0.90 12.25 22.94
CA ALA A 77 -0.77 12.16 21.48
C ALA A 77 -1.98 12.80 20.79
N LEU A 78 -3.14 12.93 21.46
CA LEU A 78 -4.40 13.42 20.82
C LEU A 78 -4.88 14.65 21.54
N PRO A 79 -4.23 15.81 21.33
CA PRO A 79 -4.57 17.02 22.07
C PRO A 79 -5.90 17.65 21.67
N ASN A 80 -6.48 17.24 20.53
CA ASN A 80 -7.72 17.85 20.03
C ASN A 80 -8.92 16.98 20.37
N SER A 81 -10.04 17.64 20.62
CA SER A 81 -11.33 17.01 20.94
C SER A 81 -12.38 17.70 20.12
N LEU A 82 -13.42 16.97 19.83
CA LEU A 82 -14.59 17.55 19.17
C LEU A 82 -15.47 18.04 20.29
N GLN A 83 -15.63 19.37 20.39
CA GLN A 83 -16.58 19.98 21.35
C GLN A 83 -17.96 19.97 20.68
N PHE A 84 -18.90 19.20 21.21
CA PHE A 84 -20.28 19.12 20.72
C PHE A 84 -21.20 19.82 21.72
N SER A 85 -21.97 20.80 21.27
CA SER A 85 -22.91 21.51 22.16
CA SER A 85 -22.93 21.40 22.21
C SER A 85 -24.31 21.48 21.55
N VAL A 86 -25.32 21.30 22.37
CA VAL A 86 -26.72 21.34 21.93
C VAL A 86 -27.26 22.66 22.45
N PRO A 87 -27.71 23.60 21.60
CA PRO A 87 -28.32 24.84 22.10
C PRO A 87 -29.54 24.60 23.02
N SER A 88 -29.76 25.52 23.96
CA SER A 88 -31.03 25.67 24.69
C SER A 88 -32.19 25.59 23.71
N GLY A 89 -33.28 24.93 24.14
CA GLY A 89 -34.57 24.87 23.44
C GLY A 89 -34.55 23.92 22.24
N SER A 90 -33.54 23.04 22.16
CA SER A 90 -33.39 22.04 21.07
C SER A 90 -34.41 20.92 21.27
N SER A 91 -34.67 20.16 20.21
CA SER A 91 -35.58 19.00 20.19
C SER A 91 -35.13 18.07 19.05
N GLY A 92 -35.65 16.86 19.01
CA GLY A 92 -35.40 15.93 17.89
C GLY A 92 -33.97 15.43 17.94
N ARG A 93 -33.45 14.85 16.87
CA ARG A 93 -32.10 14.28 16.96
C ARG A 93 -31.13 15.41 16.66
N VAL A 94 -30.16 15.55 17.53
CA VAL A 94 -29.07 16.53 17.40
CA VAL A 94 -29.06 16.53 17.38
C VAL A 94 -27.77 15.74 17.55
N GLY A 95 -26.75 16.08 16.80
CA GLY A 95 -25.51 15.32 16.85
C GLY A 95 -24.64 15.70 15.70
N PHE A 96 -23.96 14.72 15.14
CA PHE A 96 -23.00 15.00 14.05
C PHE A 96 -22.73 13.71 13.28
N THR A 97 -22.22 13.92 12.08
CA THR A 97 -21.92 12.83 11.14
C THR A 97 -20.44 12.94 10.77
N ASN A 98 -19.92 11.79 10.38
CA ASN A 98 -18.65 11.68 9.65
C ASN A 98 -18.98 11.10 8.29
N GLU A 99 -18.50 11.74 7.22
CA GLU A 99 -18.79 11.36 5.82
C GLU A 99 -17.90 10.21 5.36
N GLY A 100 -17.05 9.69 6.22
CA GLY A 100 -16.02 8.71 5.85
C GLY A 100 -15.01 9.28 4.87
N PHE A 101 -14.30 8.38 4.21
CA PHE A 101 -13.44 8.67 3.05
C PHE A 101 -14.30 8.63 1.80
N TRP A 102 -14.99 9.73 1.53
CA TRP A 102 -15.82 9.88 0.32
C TRP A 102 -16.88 8.78 0.35
N GLY A 103 -17.39 8.53 1.55
CA GLY A 103 -18.47 7.56 1.76
C GLY A 103 -18.05 6.46 2.71
N ILE A 104 -19.02 5.59 2.97
CA ILE A 104 -18.90 4.42 3.87
C ILE A 104 -19.76 3.31 3.25
N LYS A 105 -19.18 2.17 2.95
CA LYS A 105 -20.00 1.01 2.50
C LYS A 105 -20.78 0.49 3.69
N VAL A 106 -22.09 0.43 3.51
CA VAL A 106 -23.05 -0.06 4.55
C VAL A 106 -23.65 -1.33 3.99
N ASP A 107 -23.19 -2.43 4.58
CA ASP A 107 -23.47 -3.83 4.15
C ASP A 107 -24.10 -4.57 5.32
N SER A 108 -25.30 -5.09 5.10
CA SER A 108 -26.08 -5.77 6.16
C SER A 108 -25.41 -7.10 6.48
N THR A 109 -24.48 -7.58 5.63
CA THR A 109 -23.77 -8.85 5.93
C THR A 109 -22.57 -8.59 6.84
N TRP A 110 -22.29 -7.34 7.16
CA TRP A 110 -21.18 -6.95 8.04
C TRP A 110 -21.70 -6.47 9.38
N THR A 111 -20.94 -6.78 10.41
CA THR A 111 -21.05 -6.14 11.74
C THR A 111 -19.98 -5.08 11.85
N TYR A 112 -20.34 -3.86 12.23
CA TYR A 112 -19.36 -2.76 12.38
C TYR A 112 -19.10 -2.56 13.86
N LYS A 113 -17.88 -2.14 14.18
CA LYS A 113 -17.49 -1.79 15.56
C LYS A 113 -17.31 -0.27 15.61
N ALA A 114 -18.21 0.40 16.33
CA ALA A 114 -18.19 1.85 16.59
C ALA A 114 -17.52 2.06 17.94
N SER A 115 -16.71 3.10 18.05
CA SER A 115 -16.16 3.46 19.38
C SER A 115 -15.81 4.94 19.36
N LEU A 116 -15.77 5.50 20.54
CA LEU A 116 -15.41 6.92 20.71
C LEU A 116 -15.10 7.10 22.17
N PHE A 117 -14.40 8.18 22.46
CA PHE A 117 -14.17 8.61 23.85
C PHE A 117 -15.00 9.88 24.02
N PHE A 118 -15.62 10.00 25.17
CA PHE A 118 -16.38 11.20 25.56
C PHE A 118 -16.09 11.50 27.02
N ARG A 119 -16.23 12.78 27.33
CA ARG A 119 -16.47 13.20 28.73
C ARG A 119 -17.36 14.43 28.63
N PHE A 120 -18.12 14.69 29.68
CA PHE A 120 -18.70 16.00 29.97
C PHE A 120 -17.65 16.89 30.61
N PRO A 121 -17.21 17.99 29.98
CA PRO A 121 -16.15 18.80 30.56
C PRO A 121 -16.65 19.51 31.82
N THR A 122 -17.97 19.69 31.93
CA THR A 122 -18.63 20.21 33.14
C THR A 122 -19.72 19.24 33.53
N SER A 123 -19.63 18.68 34.75
CA SER A 123 -20.62 17.76 35.33
C SER A 123 -22.02 18.35 35.17
N SER A 124 -22.96 17.57 34.67
CA SER A 124 -24.38 17.97 34.58
C SER A 124 -25.25 16.81 35.04
N SER A 125 -26.54 17.08 35.15
CA SER A 125 -27.60 16.09 35.48
C SER A 125 -28.05 15.34 34.21
N PHE A 126 -27.41 15.55 33.06
CA PHE A 126 -27.81 14.85 31.82
C PHE A 126 -27.96 13.35 32.11
N SER A 127 -29.04 12.78 31.61
CA SER A 127 -29.27 11.33 31.63
C SER A 127 -30.01 10.98 30.35
N GLY A 128 -29.42 10.16 29.51
CA GLY A 128 -30.09 9.78 28.27
C GLY A 128 -29.19 8.90 27.41
N ALA A 129 -29.73 8.52 26.26
CA ALA A 129 -29.09 7.59 25.31
C ALA A 129 -28.19 8.41 24.38
N LEU A 130 -26.96 7.96 24.21
CA LEU A 130 -26.04 8.36 23.13
C LEU A 130 -26.25 7.30 22.06
N THR A 131 -26.71 7.70 20.88
CA THR A 131 -26.95 6.78 19.75
C THR A 131 -25.86 6.99 18.70
N VAL A 132 -25.31 5.89 18.20
CA VAL A 132 -24.37 5.90 17.04
C VAL A 132 -24.99 5.05 15.94
N GLY A 133 -24.57 5.29 14.71
CA GLY A 133 -25.15 4.53 13.61
C GLY A 133 -24.60 4.92 12.27
N LEU A 134 -25.25 4.35 11.27
CA LEU A 134 -25.02 4.62 9.85
C LEU A 134 -26.33 5.09 9.24
N GLN A 135 -26.24 6.18 8.49
CA GLN A 135 -27.40 6.67 7.74
C GLN A 135 -26.94 6.96 6.32
N THR A 136 -27.85 6.88 5.38
CA THR A 136 -27.63 7.35 4.00
C THR A 136 -27.57 8.88 4.06
N ASN A 137 -26.85 9.52 3.15
CA ASN A 137 -26.71 11.01 3.23
C ASN A 137 -28.04 11.62 2.76
N ALA A 138 -28.85 10.81 2.07
CA ALA A 138 -30.21 11.14 1.57
C ALA A 138 -31.19 11.21 2.76
N GLY A 139 -30.78 10.72 3.94
CA GLY A 139 -31.43 10.85 5.26
C GLY A 139 -32.14 9.59 5.77
N ARG A 140 -31.74 8.34 5.43
CA ARG A 140 -32.38 7.09 5.95
C ARG A 140 -31.43 6.43 6.95
N VAL A 141 -31.87 6.19 8.20
CA VAL A 141 -31.03 5.48 9.22
C VAL A 141 -31.00 3.98 8.87
N LEU A 142 -29.80 3.42 8.72
CA LEU A 142 -29.63 2.00 8.29
C LEU A 142 -29.18 1.12 9.46
N ALA A 143 -28.48 1.70 10.43
CA ALA A 143 -27.96 0.94 11.56
C ALA A 143 -27.95 1.92 12.71
N GLN A 144 -28.20 1.41 13.89
CA GLN A 144 -28.16 2.24 15.09
C GLN A 144 -27.97 1.34 16.29
N ASN A 145 -27.36 1.96 17.28
CA ASN A 145 -27.17 1.32 18.58
C ASN A 145 -26.99 2.47 19.55
N SER A 146 -27.25 2.20 20.80
CA SER A 146 -27.26 3.29 21.79
C SER A 146 -26.79 2.73 23.12
N THR A 147 -26.40 3.64 23.97
CA THR A 147 -26.02 3.29 25.34
C THR A 147 -26.29 4.50 26.22
N GLN A 148 -26.52 4.23 27.50
CA GLN A 148 -26.88 5.26 28.50
C GLN A 148 -25.62 5.99 28.93
N ILE A 149 -25.65 7.32 28.89
CA ILE A 149 -24.50 8.14 29.38
C ILE A 149 -25.07 9.15 30.39
N ARG A 150 -24.21 9.58 31.30
CA ARG A 150 -24.62 10.48 32.40
C ARG A 150 -23.69 11.68 32.32
N GLY A 151 -24.25 12.86 32.58
CA GLY A 151 -23.51 14.13 32.61
C GLY A 151 -22.50 14.18 33.75
N THR A 152 -22.57 13.26 34.71
CA THR A 152 -21.61 13.17 35.84
C THR A 152 -20.33 12.48 35.35
N THR A 153 -20.32 11.94 34.13
CA THR A 153 -19.11 11.29 33.58
C THR A 153 -18.20 12.38 33.02
N THR A 154 -17.30 12.88 33.87
CA THR A 154 -16.35 13.99 33.59
C THR A 154 -14.98 13.41 33.30
N LYS A 155 -14.80 12.10 33.39
CA LYS A 155 -13.52 11.45 33.04
C LYS A 155 -13.70 10.82 31.65
N TRP A 156 -12.66 10.87 30.83
CA TRP A 156 -12.70 10.20 29.51
C TRP A 156 -13.18 8.75 29.63
N THR A 157 -14.18 8.42 28.82
CA THR A 157 -14.85 7.10 28.86
C THR A 157 -15.02 6.63 27.44
N GLN A 158 -14.62 5.39 27.16
CA GLN A 158 -14.82 4.83 25.80
C GLN A 158 -16.20 4.19 25.69
N ILE A 159 -16.90 4.44 24.58
N ILE A 159 -16.91 4.50 24.61
CA ILE A 159 -18.17 3.75 24.25
CA ILE A 159 -18.13 3.76 24.17
C ILE A 159 -17.85 2.79 23.10
C ILE A 159 -17.65 2.71 23.19
N ASN A 160 -18.22 1.51 23.24
CA ASN A 160 -17.99 0.46 22.22
C ASN A 160 -19.35 -0.14 21.87
N LEU A 161 -19.82 0.10 20.65
CA LEU A 161 -21.12 -0.46 20.21
C LEU A 161 -20.93 -1.05 18.82
N GLU A 162 -21.51 -2.21 18.62
CA GLU A 162 -21.62 -2.85 17.30
C GLU A 162 -22.81 -2.21 16.56
N LEU A 163 -22.74 -2.27 15.26
CA LEU A 163 -23.82 -1.83 14.36
C LEU A 163 -24.11 -2.94 13.36
N HIS A 164 -25.39 -3.16 13.19
CA HIS A 164 -26.00 -4.12 12.26
C HIS A 164 -26.99 -3.38 11.38
N PRO A 165 -26.62 -3.13 10.12
CA PRO A 165 -27.53 -2.48 9.19
C PRO A 165 -28.80 -3.33 9.00
N THR A 166 -29.94 -2.70 8.91
CA THR A 166 -31.19 -3.41 8.59
C THR A 166 -31.28 -3.67 7.10
N ALA A 167 -30.48 -2.94 6.32
CA ALA A 167 -30.42 -3.04 4.85
C ALA A 167 -29.05 -2.53 4.42
N SER A 168 -28.49 -3.15 3.39
CA SER A 168 -27.35 -2.62 2.63
C SER A 168 -27.79 -1.33 1.95
N ALA A 169 -26.92 -0.34 1.94
CA ALA A 169 -27.15 0.91 1.21
C ALA A 169 -27.02 0.60 -0.27
N PRO A 170 -27.77 1.33 -1.12
CA PRO A 170 -27.67 1.16 -2.58
C PRO A 170 -26.40 1.75 -3.17
N ASP A 171 -25.70 2.57 -2.39
CA ASP A 171 -24.43 3.23 -2.80
C ASP A 171 -23.64 3.55 -1.53
N VAL A 172 -22.49 4.16 -1.67
CA VAL A 172 -21.57 4.40 -0.53
C VAL A 172 -21.80 5.80 0.05
N SER A 173 -22.78 6.55 -0.42
CA SER A 173 -23.10 7.92 0.06
CA SER A 173 -23.06 7.92 0.07
C SER A 173 -23.78 7.84 1.42
N ASN A 174 -23.06 7.38 2.42
CA ASN A 174 -23.59 7.11 3.77
C ASN A 174 -22.63 7.73 4.75
N SER A 175 -23.12 7.99 5.95
CA SER A 175 -22.32 8.63 7.00
C SER A 175 -22.53 7.89 8.31
N PHE A 176 -21.50 7.96 9.14
CA PHE A 176 -21.56 7.57 10.56
C PHE A 176 -22.21 8.71 11.33
N PHE A 177 -23.03 8.41 12.31
CA PHE A 177 -23.65 9.51 13.09
C PHE A 177 -23.49 9.20 14.55
N VAL A 178 -23.55 10.27 15.32
CA VAL A 178 -23.67 10.26 16.78
C VAL A 178 -24.79 11.23 17.08
N THR A 179 -25.81 10.80 17.82
CA THR A 179 -26.93 11.70 18.18
C THR A 179 -27.27 11.54 19.66
N ILE A 180 -27.83 12.61 20.21
CA ILE A 180 -28.55 12.54 21.50
C ILE A 180 -29.87 13.23 21.24
N ASP A 181 -30.83 13.02 22.15
CA ASP A 181 -32.15 13.68 22.08
C ASP A 181 -31.94 15.17 22.34
N GLY A 182 -32.51 16.03 21.50
CA GLY A 182 -32.26 17.49 21.56
C GLY A 182 -32.88 18.11 22.81
N ALA A 183 -34.05 17.64 23.22
CA ALA A 183 -34.72 18.14 24.46
C ALA A 183 -33.92 17.66 25.68
N ALA A 184 -33.62 16.36 25.81
CA ALA A 184 -32.83 15.85 26.95
C ALA A 184 -31.46 16.53 26.94
N GLY A 185 -30.92 16.83 25.75
CA GLY A 185 -29.54 17.31 25.56
C GLY A 185 -29.41 18.82 25.63
N ALA A 186 -30.52 19.55 25.60
CA ALA A 186 -30.50 21.02 25.48
C ALA A 186 -29.53 21.58 26.50
N GLY A 187 -28.64 22.47 26.07
CA GLY A 187 -27.67 23.13 26.97
C GLY A 187 -26.46 22.28 27.32
N GLN A 188 -26.36 21.04 26.85
CA GLN A 188 -25.22 20.17 27.23
C GLN A 188 -24.06 20.39 26.25
N THR A 189 -22.85 20.24 26.77
CA THR A 189 -21.58 20.13 26.02
C THR A 189 -20.92 18.80 26.37
N ILE A 190 -20.47 18.11 25.35
CA ILE A 190 -19.72 16.84 25.49
C ILE A 190 -18.49 17.02 24.61
N ASN A 191 -17.33 16.64 25.13
CA ASN A 191 -16.07 16.59 24.36
C ASN A 191 -15.91 15.14 23.90
N PHE A 192 -15.60 14.93 22.64
CA PHE A 192 -15.34 13.60 22.09
C PHE A 192 -13.90 13.56 21.56
N ALA A 193 -13.31 12.39 21.57
CA ALA A 193 -11.99 12.16 20.96
C ALA A 193 -11.92 10.73 20.41
N MET A 194 -11.03 10.52 19.49
CA MET A 194 -10.61 9.17 19.10
C MET A 194 -11.85 8.37 18.74
N PHE A 195 -12.51 8.76 17.66
CA PHE A 195 -13.65 8.01 17.11
C PHE A 195 -13.05 6.86 16.32
N SER A 196 -13.86 5.83 16.11
CA SER A 196 -13.42 4.73 15.25
C SER A 196 -14.66 3.99 14.76
N LEU A 197 -14.67 3.63 13.50
CA LEU A 197 -15.65 2.68 12.95
C LEU A 197 -14.91 1.70 12.07
N PHE A 198 -14.99 0.42 12.42
CA PHE A 198 -14.33 -0.66 11.69
C PHE A 198 -15.40 -1.57 11.12
N PRO A 199 -15.23 -1.98 9.86
CA PRO A 199 -15.98 -3.11 9.35
C PRO A 199 -15.24 -4.35 9.82
N PRO A 200 -15.73 -5.55 9.46
CA PRO A 200 -14.93 -6.77 9.63
C PRO A 200 -13.62 -6.58 8.86
N THR A 201 -12.53 -7.06 9.42
CA THR A 201 -11.20 -6.83 8.84
C THR A 201 -10.60 -8.11 8.30
N PHE A 202 -9.58 -7.92 7.49
CA PHE A 202 -8.79 -9.03 6.94
C PHE A 202 -8.28 -9.86 8.11
N LYS A 203 -8.54 -11.17 8.08
CA LYS A 203 -8.07 -12.14 9.11
C LYS A 203 -8.60 -11.74 10.48
N ASN A 204 -9.66 -10.94 10.54
CA ASN A 204 -10.26 -10.51 11.82
CA ASN A 204 -10.26 -10.50 11.82
C ASN A 204 -9.18 -9.90 12.71
N ARG A 205 -8.14 -9.29 12.12
CA ARG A 205 -7.16 -8.53 12.95
C ARG A 205 -7.86 -7.32 13.56
N PRO A 206 -7.92 -7.01 14.87
N PRO A 206 -7.60 -7.18 14.88
CA PRO A 206 -8.85 -5.96 15.34
CA PRO A 206 -7.80 -5.94 15.59
C PRO A 206 -8.57 -4.48 14.94
C PRO A 206 -6.91 -4.92 14.87
N ASN A 207 -7.30 -4.14 14.67
N ASN A 207 -7.52 -3.75 14.65
CA ASN A 207 -6.89 -2.83 14.11
CA ASN A 207 -6.87 -2.59 14.00
C ASN A 207 -6.38 -3.05 12.67
C ASN A 207 -6.34 -3.03 12.63
N GLY A 208 -7.10 -3.88 11.92
CA GLY A 208 -6.64 -4.44 10.65
C GLY A 208 -7.06 -3.70 9.40
N LEU A 209 -7.09 -4.48 8.33
CA LEU A 209 -7.04 -3.98 6.96
C LEU A 209 -8.35 -4.28 6.27
N ARG A 210 -8.67 -3.43 5.32
CA ARG A 210 -9.90 -3.58 4.55
C ARG A 210 -9.78 -4.86 3.73
N ALA A 211 -10.74 -5.75 3.90
CA ALA A 211 -10.70 -7.12 3.36
C ALA A 211 -10.47 -7.11 1.84
N ASP A 212 -11.29 -6.42 1.06
CA ASP A 212 -11.24 -6.59 -0.44
C ASP A 212 -9.88 -6.13 -0.95
N ILE A 213 -9.39 -5.00 -0.43
CA ILE A 213 -8.05 -4.51 -0.83
C ILE A 213 -6.98 -5.51 -0.37
N ALA A 214 -6.98 -5.94 0.90
CA ALA A 214 -5.92 -6.86 1.40
C ALA A 214 -5.93 -8.15 0.58
N GLU A 215 -7.11 -8.70 0.30
CA GLU A 215 -7.26 -9.93 -0.50
C GLU A 215 -6.74 -9.71 -1.92
N THR A 216 -6.95 -8.52 -2.51
CA THR A 216 -6.46 -8.16 -3.87
C THR A 216 -4.93 -8.16 -3.81
N LEU A 217 -4.33 -7.57 -2.78
CA LEU A 217 -2.86 -7.57 -2.67
C LEU A 217 -2.35 -9.00 -2.56
N ALA A 218 -3.03 -9.81 -1.76
CA ALA A 218 -2.59 -11.20 -1.51
C ALA A 218 -2.73 -12.00 -2.80
N GLU A 219 -3.77 -11.69 -3.57
CA GLU A 219 -4.16 -12.35 -4.85
C GLU A 219 -2.96 -12.33 -5.79
N MET A 220 -2.21 -11.22 -5.83
N MET A 220 -2.21 -11.23 -5.78
CA MET A 220 -1.09 -11.02 -6.79
CA MET A 220 -1.13 -10.95 -6.74
C MET A 220 0.04 -12.01 -6.55
C MET A 220 0.10 -11.84 -6.46
N GLY A 221 0.07 -12.66 -5.39
CA GLY A 221 1.19 -13.53 -4.97
C GLY A 221 2.50 -12.75 -4.78
N PRO A 222 2.47 -11.57 -4.15
CA PRO A 222 3.70 -10.83 -3.91
C PRO A 222 4.57 -11.59 -2.90
N SER A 223 5.88 -11.37 -2.99
CA SER A 223 6.87 -12.01 -2.09
C SER A 223 7.34 -10.95 -1.10
N PHE A 224 7.19 -9.66 -1.41
CA PHE A 224 7.73 -8.67 -0.47
C PHE A 224 6.85 -7.44 -0.48
N PHE A 225 7.09 -6.58 0.50
CA PHE A 225 6.29 -5.35 0.65
C PHE A 225 7.25 -4.26 1.10
N ARG A 226 7.52 -3.30 0.23
CA ARG A 226 8.47 -2.19 0.55
C ARG A 226 7.63 -1.09 1.18
N PHE A 227 8.05 -0.62 2.34
CA PHE A 227 7.25 0.30 3.17
C PHE A 227 8.21 1.00 4.09
N PRO A 228 7.82 2.11 4.75
CA PRO A 228 6.54 2.77 4.57
C PRO A 228 6.58 3.87 3.50
N GLY A 229 7.70 3.97 2.76
CA GLY A 229 7.77 4.81 1.56
C GLY A 229 9.14 4.75 0.90
N GLY A 230 9.30 5.41 -0.25
CA GLY A 230 8.36 6.39 -0.75
C GLY A 230 8.52 7.78 -0.14
N ASN A 231 8.03 8.78 -0.83
CA ASN A 231 8.01 10.19 -0.36
C ASN A 231 7.43 10.25 1.03
N ASN A 232 6.41 9.44 1.33
CA ASN A 232 5.70 9.55 2.62
C ASN A 232 6.62 9.21 3.81
N LEU A 233 7.75 8.55 3.59
CA LEU A 233 8.76 8.32 4.65
C LEU A 233 9.39 9.65 5.07
N GLU A 234 9.61 10.51 4.09
CA GLU A 234 10.61 11.59 4.23
C GLU A 234 10.08 12.73 5.09
N GLY A 235 8.80 13.07 4.99
CA GLY A 235 8.31 14.31 5.61
C GLY A 235 8.65 15.51 4.74
N GLN A 236 8.01 16.64 5.01
CA GLN A 236 8.34 17.93 4.33
C GLN A 236 9.52 18.56 5.08
N THR A 237 9.67 18.20 6.36
CA THR A 237 10.69 18.72 7.29
C THR A 237 11.17 17.57 8.14
N THR A 238 12.29 17.75 8.85
CA THR A 238 12.72 16.72 9.82
C THR A 238 11.55 16.37 10.74
N ALA A 239 10.85 17.37 11.24
CA ALA A 239 9.88 17.21 12.33
C ALA A 239 8.70 16.35 11.84
N THR A 240 8.43 16.31 10.53
CA THR A 240 7.21 15.70 9.96
C THR A 240 7.54 14.39 9.24
N ARG A 241 8.77 13.92 9.38
CA ARG A 241 9.18 12.61 8.84
C ARG A 241 8.32 11.52 9.47
N TRP A 242 8.26 10.39 8.79
CA TRP A 242 7.71 9.15 9.39
C TRP A 242 8.63 8.71 10.53
N GLN A 243 8.03 8.38 11.68
CA GLN A 243 8.73 7.88 12.87
C GLN A 243 8.04 6.59 13.34
N TRP A 244 8.78 5.48 13.38
CA TRP A 244 8.23 4.13 13.67
C TRP A 244 7.49 4.15 15.02
N ASN A 245 8.09 4.78 16.02
CA ASN A 245 7.66 4.63 17.43
C ASN A 245 6.34 5.37 17.61
N ALA A 246 6.03 6.33 16.77
CA ALA A 246 4.76 7.12 16.80
C ALA A 246 3.62 6.31 16.19
N THR A 247 3.94 5.19 15.55
CA THR A 247 2.95 4.36 14.83
C THR A 247 2.68 3.04 15.57
N VAL A 248 3.25 2.86 16.75
CA VAL A 248 2.99 1.60 17.51
C VAL A 248 2.30 1.93 18.84
N GLY A 249 1.67 0.90 19.39
CA GLY A 249 0.95 0.97 20.65
C GLY A 249 -0.49 1.38 20.44
N SER A 250 -1.16 1.66 21.54
CA SER A 250 -2.58 2.06 21.57
C SER A 250 -2.79 3.21 20.58
N LEU A 251 -3.94 3.22 19.91
CA LEU A 251 -4.34 4.31 19.00
C LEU A 251 -4.35 5.63 19.78
N LEU A 252 -4.68 5.61 21.08
CA LEU A 252 -4.64 6.83 21.91
C LEU A 252 -3.24 7.47 21.88
N ASP A 253 -2.19 6.69 21.61
CA ASP A 253 -0.78 7.13 21.77
C ASP A 253 -0.11 7.37 20.42
N ARG A 254 -0.86 7.43 19.33
CA ARG A 254 -0.31 7.70 17.99
C ARG A 254 -0.70 9.11 17.54
N PRO A 255 0.24 10.05 17.51
CA PRO A 255 -0.12 11.45 17.28
C PRO A 255 -0.53 11.72 15.83
N GLY A 256 -0.22 10.80 14.92
CA GLY A 256 -0.31 11.03 13.47
C GLY A 256 0.67 12.07 12.99
N ARG A 257 0.68 12.29 11.70
CA ARG A 257 1.60 13.25 11.10
C ARG A 257 0.97 13.71 9.79
N VAL A 258 1.31 14.93 9.42
CA VAL A 258 1.04 15.42 8.04
C VAL A 258 1.95 14.63 7.11
N GLY A 259 1.33 13.86 6.22
CA GLY A 259 2.05 13.05 5.23
C GLY A 259 2.54 13.93 4.09
N ASP A 260 3.06 13.31 3.05
CA ASP A 260 3.73 14.04 1.94
C ASP A 260 2.82 14.10 0.70
N TRP A 261 1.51 13.87 0.84
CA TRP A 261 0.59 13.85 -0.33
C TRP A 261 -0.65 14.69 -0.04
N GLY A 262 -0.52 15.67 0.86
CA GLY A 262 -1.52 16.71 1.14
C GLY A 262 -2.50 16.34 2.24
N TYR A 263 -2.31 15.22 2.96
CA TYR A 263 -3.28 14.86 4.03
C TYR A 263 -2.58 14.32 5.27
N VAL A 264 -3.30 14.45 6.39
CA VAL A 264 -2.89 13.85 7.69
C VAL A 264 -2.96 12.31 7.61
N ASN A 265 -1.92 11.65 8.09
CA ASN A 265 -1.89 10.20 8.33
C ASN A 265 -2.18 9.98 9.81
N THR A 266 -3.11 9.09 10.12
CA THR A 266 -3.45 8.70 11.51
C THR A 266 -2.32 7.90 12.15
N ASP A 267 -1.54 7.24 11.32
CA ASP A 267 -0.57 6.20 11.72
C ASP A 267 -1.29 5.05 12.41
N GLY A 268 -2.59 4.92 12.20
CA GLY A 268 -3.34 3.72 12.58
C GLY A 268 -2.82 2.49 11.84
N LEU A 269 -2.42 2.66 10.58
CA LEU A 269 -1.60 1.67 9.84
C LEU A 269 -0.15 1.91 10.23
N GLY A 270 0.30 1.20 11.25
CA GLY A 270 1.59 1.45 11.89
C GLY A 270 2.48 0.23 11.76
N LEU A 271 3.65 0.33 12.33
CA LEU A 271 4.71 -0.66 12.05
C LEU A 271 4.21 -2.08 12.38
N LEU A 272 3.48 -2.24 13.47
CA LEU A 272 3.04 -3.61 13.85
C LEU A 272 1.97 -4.08 12.87
N GLU A 273 1.03 -3.22 12.46
CA GLU A 273 -0.04 -3.65 11.54
C GLU A 273 0.62 -4.04 10.21
N TYR A 274 1.62 -3.29 9.73
CA TYR A 274 2.38 -3.70 8.52
C TYR A 274 2.95 -5.13 8.69
N LEU A 275 3.68 -5.35 9.78
CA LEU A 275 4.39 -6.64 9.99
C LEU A 275 3.38 -7.80 10.16
N GLN A 276 2.28 -7.51 10.82
CA GLN A 276 1.17 -8.48 11.00
C GLN A 276 0.63 -8.85 9.63
N PHE A 277 0.48 -7.87 8.74
CA PHE A 277 0.00 -8.12 7.37
C PHE A 277 0.98 -9.04 6.63
N PHE A 278 2.27 -8.77 6.76
CA PHE A 278 3.29 -9.59 6.06
C PHE A 278 3.18 -11.03 6.54
N GLU A 279 3.02 -11.22 7.84
CA GLU A 279 2.82 -12.55 8.49
C GLU A 279 1.57 -13.21 7.90
N ASP A 280 0.48 -12.44 7.71
CA ASP A 280 -0.81 -12.93 7.20
C ASP A 280 -0.73 -13.33 5.72
N THR A 281 0.21 -12.79 4.95
CA THR A 281 0.23 -12.96 3.47
C THR A 281 1.50 -13.69 3.02
N GLY A 282 2.44 -13.96 3.94
CA GLY A 282 3.71 -14.62 3.62
C GLY A 282 4.68 -13.70 2.92
N MET A 283 4.50 -12.38 3.05
CA MET A 283 5.33 -11.38 2.35
C MET A 283 6.52 -11.11 3.24
N GLU A 284 7.68 -10.78 2.70
CA GLU A 284 8.73 -10.26 3.59
C GLU A 284 8.91 -8.78 3.34
N PRO A 285 9.28 -8.04 4.39
CA PRO A 285 9.39 -6.59 4.27
C PRO A 285 10.68 -6.18 3.60
N ILE A 286 10.59 -5.13 2.79
CA ILE A 286 11.76 -4.28 2.47
C ILE A 286 11.42 -2.98 3.19
N MET A 287 12.10 -2.74 4.27
CA MET A 287 11.71 -1.67 5.19
C MET A 287 12.61 -0.47 4.94
N ALA A 288 12.03 0.68 4.68
CA ALA A 288 12.80 1.92 4.50
C ALA A 288 13.05 2.53 5.87
N VAL A 289 14.23 3.12 6.05
CA VAL A 289 14.49 3.98 7.22
C VAL A 289 14.78 5.39 6.71
N TRP A 290 14.32 6.35 7.47
CA TRP A 290 14.58 7.79 7.20
C TRP A 290 16.10 8.02 7.28
N ALA A 291 16.65 8.85 6.39
CA ALA A 291 18.11 8.92 6.18
C ALA A 291 18.59 10.38 6.21
N GLY A 292 17.89 11.29 6.89
CA GLY A 292 18.46 12.62 7.19
C GLY A 292 18.16 13.62 6.09
N TYR A 293 17.12 13.38 5.30
CA TYR A 293 16.62 14.31 4.27
C TYR A 293 15.09 14.33 4.28
N SER A 294 14.53 15.52 4.10
CA SER A 294 13.07 15.71 3.94
C SER A 294 12.77 16.55 2.69
N LEU A 295 11.51 16.51 2.24
CA LEU A 295 11.16 16.91 0.87
C LEU A 295 11.24 18.44 0.72
N GLY A 296 11.26 19.21 1.80
CA GLY A 296 11.55 20.65 1.78
C GLY A 296 12.97 20.94 1.28
N GLY A 297 13.84 19.94 1.18
CA GLY A 297 15.21 20.09 0.67
C GLY A 297 16.28 20.11 1.75
N THR A 298 15.93 20.05 3.04
CA THR A 298 16.90 20.09 4.17
C THR A 298 17.53 18.71 4.33
N SER A 299 18.86 18.67 4.23
CA SER A 299 19.67 17.53 4.65
C SER A 299 20.12 17.85 6.06
N LEU A 300 20.07 16.84 6.95
CA LEU A 300 20.83 16.94 8.21
C LEU A 300 22.31 16.99 7.87
N ALA A 301 23.04 17.83 8.62
CA ALA A 301 24.52 17.84 8.54
C ALA A 301 25.04 16.53 9.11
N GLU A 302 26.23 16.16 8.66
CA GLU A 302 26.91 14.94 9.13
C GLU A 302 26.91 14.91 10.67
N ASN A 303 27.11 16.07 11.33
CA ASN A 303 27.23 16.12 12.81
C ASN A 303 25.85 16.13 13.49
N GLN A 304 24.75 15.96 12.74
CA GLN A 304 23.38 15.91 13.31
C GLN A 304 22.76 14.50 13.18
N LEU A 305 23.43 13.56 12.52
CA LEU A 305 22.76 12.29 12.11
C LEU A 305 22.57 11.32 13.29
N ALA A 306 23.39 11.36 14.35
CA ALA A 306 23.52 10.23 15.32
C ALA A 306 22.14 9.82 15.88
N PRO A 307 21.28 10.74 16.35
CA PRO A 307 20.00 10.35 16.95
C PRO A 307 19.08 9.70 15.91
N TYR A 308 19.24 10.06 14.63
CA TYR A 308 18.37 9.54 13.53
C TYR A 308 18.87 8.16 13.16
N ILE A 309 20.19 7.98 13.25
CA ILE A 309 20.81 6.66 13.05
C ILE A 309 20.31 5.74 14.14
N GLN A 310 20.29 6.21 15.38
CA GLN A 310 19.81 5.39 16.52
C GLN A 310 18.34 5.04 16.30
N GLN A 311 17.54 5.99 15.83
CA GLN A 311 16.09 5.76 15.62
C GLN A 311 15.91 4.69 14.54
N ALA A 312 16.77 4.69 13.53
CA ALA A 312 16.71 3.63 12.49
C ALA A 312 17.05 2.28 13.12
N ILE A 313 18.05 2.26 14.01
CA ILE A 313 18.44 1.02 14.73
C ILE A 313 17.24 0.56 15.56
N ASP A 314 16.61 1.49 16.28
CA ASP A 314 15.43 1.24 17.13
C ASP A 314 14.36 0.55 16.29
N GLN A 315 14.10 1.11 15.09
CA GLN A 315 13.03 0.67 14.19
C GLN A 315 13.32 -0.79 13.84
N ILE A 316 14.59 -1.07 13.49
CA ILE A 316 14.96 -2.42 13.03
C ILE A 316 14.85 -3.37 14.23
N ASN A 317 15.28 -2.92 15.40
CA ASN A 317 15.19 -3.69 16.66
C ASN A 317 13.73 -4.02 16.99
N PHE A 318 12.78 -3.10 16.77
CA PHE A 318 11.36 -3.43 16.96
C PHE A 318 11.00 -4.67 16.12
N VAL A 319 11.51 -4.73 14.89
CA VAL A 319 11.12 -5.81 13.95
C VAL A 319 11.79 -7.11 14.37
N ILE A 320 13.11 -7.10 14.58
CA ILE A 320 13.93 -8.37 14.60
C ILE A 320 14.69 -8.54 15.94
N GLY A 321 14.65 -7.55 16.81
CA GLY A 321 15.50 -7.63 18.02
C GLY A 321 15.03 -8.72 18.98
N ASP A 322 15.99 -9.31 19.70
CA ASP A 322 15.73 -10.07 20.94
C ASP A 322 15.13 -9.10 21.96
N PRO A 323 13.93 -9.39 22.52
CA PRO A 323 13.28 -8.48 23.45
C PRO A 323 14.06 -8.17 24.73
N ALA A 324 14.95 -9.07 25.13
CA ALA A 324 15.80 -8.91 26.33
C ALA A 324 16.91 -7.88 26.08
N LYS A 325 17.18 -7.49 24.82
CA LYS A 325 18.42 -6.75 24.48
C LYS A 325 18.12 -5.30 24.03
N SER A 326 16.87 -4.91 23.83
CA SER A 326 16.55 -3.50 23.48
C SER A 326 15.11 -3.18 23.86
N ALA A 327 14.83 -1.91 24.15
CA ALA A 327 13.48 -1.42 24.50
C ALA A 327 12.54 -1.64 23.32
N PRO A 328 12.94 -1.37 22.05
CA PRO A 328 12.01 -1.57 20.95
C PRO A 328 11.62 -3.03 20.77
N ALA A 329 12.57 -3.95 20.91
CA ALA A 329 12.27 -5.40 20.83
C ALA A 329 11.36 -5.81 21.99
N ALA A 330 11.58 -5.26 23.18
CA ALA A 330 10.72 -5.49 24.37
C ALA A 330 9.32 -4.94 24.09
N LEU A 331 9.25 -3.79 23.39
CA LEU A 331 7.96 -3.18 23.01
C LEU A 331 7.23 -4.11 22.04
N ARG A 332 7.94 -4.72 21.09
CA ARG A 332 7.28 -5.64 20.15
C ARG A 332 6.71 -6.82 20.96
N ALA A 333 7.49 -7.35 21.91
CA ALA A 333 7.05 -8.44 22.81
C ALA A 333 5.83 -8.00 23.62
N SER A 334 5.84 -6.77 24.13
CA SER A 334 4.76 -6.21 24.98
C SER A 334 3.46 -6.11 24.16
N LEU A 335 3.57 -6.01 22.84
CA LEU A 335 2.36 -5.79 22.00
C LEU A 335 1.91 -7.14 21.44
N GLY A 336 2.44 -8.22 22.00
CA GLY A 336 1.90 -9.56 21.82
C GLY A 336 2.69 -10.34 20.79
N HIS A 337 3.86 -9.85 20.33
CA HIS A 337 4.65 -10.57 19.29
CA HIS A 337 4.65 -10.55 19.28
C HIS A 337 6.10 -10.70 19.75
N PRO A 338 6.35 -11.52 20.81
CA PRO A 338 7.72 -11.76 21.29
C PRO A 338 8.66 -12.32 20.21
N GLU A 339 8.17 -13.15 19.30
CA GLU A 339 8.99 -13.70 18.20
C GLU A 339 9.40 -12.54 17.30
N PRO A 340 10.69 -12.45 16.90
CA PRO A 340 11.10 -11.46 15.93
C PRO A 340 10.37 -11.78 14.62
N PHE A 341 10.09 -10.74 13.83
CA PHE A 341 9.71 -10.89 12.41
C PHE A 341 10.96 -11.03 11.56
N THR A 342 10.74 -11.44 10.30
CA THR A 342 11.74 -11.55 9.21
C THR A 342 12.04 -10.14 8.71
N LEU A 343 13.32 -9.83 8.53
CA LEU A 343 13.74 -8.59 7.85
C LEU A 343 15.13 -8.80 7.27
N ARG A 344 15.21 -8.84 5.95
CA ARG A 344 16.48 -9.13 5.25
C ARG A 344 17.00 -7.91 4.52
N PHE A 345 16.14 -6.93 4.25
CA PHE A 345 16.42 -5.82 3.33
C PHE A 345 15.95 -4.52 3.96
N VAL A 346 16.83 -3.54 4.03
CA VAL A 346 16.47 -2.21 4.54
C VAL A 346 16.92 -1.22 3.50
N GLU A 347 16.02 -0.29 3.17
CA GLU A 347 16.28 0.79 2.21
C GLU A 347 16.65 2.05 3.00
N VAL A 348 17.79 2.64 2.63
CA VAL A 348 18.28 3.87 3.29
C VAL A 348 17.73 5.08 2.57
N GLY A 349 16.62 5.56 3.10
CA GLY A 349 16.00 6.76 2.56
C GLY A 349 15.08 6.43 1.40
N ASN A 350 14.85 7.44 0.59
CA ASN A 350 13.92 7.40 -0.57
C ASN A 350 14.51 8.35 -1.60
N GLU A 351 14.78 7.90 -2.82
CA GLU A 351 15.10 8.82 -3.96
C GLU A 351 16.12 9.89 -3.56
N ASP A 352 17.24 9.44 -2.98
CA ASP A 352 18.31 10.35 -2.48
C ASP A 352 19.17 10.86 -3.65
N PHE A 353 18.84 10.51 -4.88
CA PHE A 353 19.33 11.28 -6.06
C PHE A 353 18.81 12.73 -5.99
N PHE A 354 17.78 13.03 -5.19
CA PHE A 354 17.33 14.44 -5.04
C PHE A 354 18.25 15.19 -4.06
N ALA A 355 19.07 14.46 -3.32
CA ALA A 355 19.99 15.02 -2.32
C ALA A 355 21.30 14.27 -2.44
N ALA A 356 21.82 14.22 -3.67
CA ALA A 356 22.98 13.43 -4.09
C ALA A 356 24.22 14.08 -3.50
N GLY A 357 24.14 15.39 -3.23
CA GLY A 357 25.20 16.13 -2.55
C GLY A 357 25.42 15.61 -1.13
N SER A 358 24.36 15.25 -0.40
CA SER A 358 24.50 14.88 1.02
C SER A 358 24.37 13.35 1.22
N TYR A 359 23.78 12.64 0.28
CA TYR A 359 23.58 11.17 0.49
C TYR A 359 24.90 10.47 0.73
N PRO A 360 26.03 10.78 0.06
CA PRO A 360 27.26 10.06 0.36
C PRO A 360 27.53 10.01 1.87
N TYR A 361 27.49 11.15 2.57
CA TYR A 361 27.82 11.16 4.02
C TYR A 361 26.64 10.58 4.83
N ARG A 362 25.41 10.76 4.39
CA ARG A 362 24.23 10.14 5.06
C ARG A 362 24.27 8.62 4.91
N TRP A 363 24.45 8.14 3.70
CA TRP A 363 24.63 6.69 3.44
C TRP A 363 25.79 6.18 4.28
N HIS A 364 26.94 6.86 4.23
CA HIS A 364 28.16 6.35 4.91
C HIS A 364 27.84 6.15 6.40
N ASP A 365 27.33 7.18 7.07
CA ASP A 365 27.17 7.11 8.54
C ASP A 365 26.03 6.14 8.88
N PHE A 366 24.93 6.16 8.13
CA PHE A 366 23.81 5.24 8.45
C PHE A 366 24.27 3.80 8.26
N VAL A 367 24.83 3.49 7.09
CA VAL A 367 25.11 2.07 6.75
C VAL A 367 26.26 1.55 7.61
N THR A 368 27.29 2.34 7.90
CA THR A 368 28.40 1.90 8.79
CA THR A 368 28.39 1.83 8.76
C THR A 368 27.79 1.42 10.10
N ALA A 369 26.89 2.23 10.67
CA ALA A 369 26.29 1.94 11.99
C ALA A 369 25.34 0.75 11.84
N LEU A 370 24.51 0.76 10.83
CA LEU A 370 23.47 -0.26 10.68
C LEU A 370 24.09 -1.61 10.33
N GLN A 371 25.06 -1.63 9.44
CA GLN A 371 25.70 -2.92 9.04
C GLN A 371 26.41 -3.54 10.25
N ALA A 372 27.01 -2.72 11.10
CA ALA A 372 27.69 -3.21 12.32
C ALA A 372 26.63 -3.77 13.28
N GLN A 373 25.46 -3.13 13.41
CA GLN A 373 24.37 -3.66 14.28
C GLN A 373 23.78 -4.91 13.62
N PHE A 374 23.63 -4.91 12.29
CA PHE A 374 22.76 -5.88 11.60
C PHE A 374 23.55 -6.46 10.44
N PRO A 375 24.55 -7.31 10.73
CA PRO A 375 25.48 -7.76 9.70
C PRO A 375 24.78 -8.59 8.63
N GLN A 376 23.63 -9.20 8.91
CA GLN A 376 22.91 -10.09 7.96
C GLN A 376 21.92 -9.23 7.14
N ILE A 377 21.64 -7.99 7.51
CA ILE A 377 20.70 -7.20 6.66
C ILE A 377 21.41 -6.66 5.43
N ARG A 378 20.72 -6.69 4.30
CA ARG A 378 21.21 -6.06 3.06
C ARG A 378 20.62 -4.65 2.97
N PHE A 379 21.48 -3.67 2.86
CA PHE A 379 21.09 -2.25 2.88
C PHE A 379 21.08 -1.72 1.46
N ILE A 380 20.01 -1.04 1.10
CA ILE A 380 19.75 -0.67 -0.32
C ILE A 380 19.94 0.84 -0.44
N ALA A 381 20.82 1.27 -1.34
CA ALA A 381 21.04 2.69 -1.66
C ALA A 381 19.98 3.17 -2.65
N THR A 382 19.67 4.47 -2.58
CA THR A 382 18.54 5.12 -3.30
C THR A 382 19.01 6.18 -4.30
N THR A 383 20.31 6.48 -4.37
CA THR A 383 20.84 7.38 -5.41
C THR A 383 20.94 6.62 -6.73
N ASN A 384 21.16 7.33 -7.84
CA ASN A 384 21.44 6.67 -9.14
C ASN A 384 22.61 5.73 -8.92
N ALA A 385 22.53 4.52 -9.46
CA ALA A 385 23.59 3.50 -9.28
C ALA A 385 24.95 4.12 -9.61
N TRP A 386 25.88 4.04 -8.67
CA TRP A 386 27.32 4.31 -8.88
C TRP A 386 27.58 5.78 -9.14
N ASN A 387 26.58 6.64 -9.02
CA ASN A 387 26.79 8.11 -9.16
C ASN A 387 25.78 8.83 -8.27
N PRO A 388 26.17 9.40 -7.11
CA PRO A 388 27.58 9.44 -6.66
C PRO A 388 28.11 8.09 -6.17
N VAL A 389 29.44 8.03 -6.00
CA VAL A 389 30.16 6.85 -5.48
C VAL A 389 29.89 6.84 -3.97
N LEU A 390 29.41 5.71 -3.49
CA LEU A 390 29.05 5.54 -2.06
C LEU A 390 30.05 4.64 -1.37
N SER A 391 30.21 4.89 -0.07
CA SER A 391 31.05 4.10 0.84
C SER A 391 30.27 3.91 2.13
N PRO A 392 30.06 2.68 2.65
CA PRO A 392 30.57 1.46 2.02
C PRO A 392 29.88 1.15 0.69
N VAL A 393 30.46 0.21 -0.04
CA VAL A 393 29.94 -0.16 -1.38
C VAL A 393 28.54 -0.73 -1.17
N PRO A 394 27.51 -0.15 -1.80
CA PRO A 394 26.17 -0.69 -1.69
C PRO A 394 26.10 -2.10 -2.27
N GLN A 395 25.51 -3.00 -1.51
CA GLN A 395 25.21 -4.39 -1.96
C GLN A 395 24.01 -4.36 -2.91
N SER A 396 23.17 -3.32 -2.85
CA SER A 396 21.93 -3.19 -3.64
C SER A 396 21.64 -1.72 -3.89
N TYR A 397 21.04 -1.46 -5.04
CA TYR A 397 20.42 -0.19 -5.42
C TYR A 397 18.94 -0.39 -5.71
N ASP A 398 18.18 0.64 -5.36
CA ASP A 398 16.75 0.79 -5.70
C ASP A 398 16.72 1.68 -6.92
N VAL A 399 16.25 1.12 -8.02
CA VAL A 399 16.18 1.79 -9.36
C VAL A 399 14.72 2.11 -9.66
N HIS A 400 14.47 3.38 -9.93
CA HIS A 400 13.14 3.96 -10.23
C HIS A 400 13.05 4.36 -11.70
N VAL A 401 11.90 4.09 -12.32
CA VAL A 401 11.64 4.64 -13.66
C VAL A 401 10.13 4.74 -13.87
N TYR A 402 9.72 5.96 -14.16
CA TYR A 402 8.41 6.29 -14.75
C TYR A 402 8.66 6.66 -16.21
N GLN A 403 7.93 6.01 -17.13
CA GLN A 403 8.22 6.22 -18.57
C GLN A 403 6.97 5.84 -19.38
N THR A 404 7.10 5.89 -20.70
CA THR A 404 6.01 5.56 -21.64
C THR A 404 5.97 4.05 -21.75
N PRO A 405 4.81 3.45 -22.13
CA PRO A 405 4.74 2.01 -22.41
C PRO A 405 5.80 1.52 -23.38
N THR A 406 6.05 2.34 -24.41
CA THR A 406 7.05 2.05 -25.47
C THR A 406 8.42 1.97 -24.80
N TRP A 407 8.73 2.89 -23.88
CA TRP A 407 10.07 2.94 -23.25
C TRP A 407 10.28 1.58 -22.58
N PHE A 408 9.26 1.07 -21.89
CA PHE A 408 9.33 -0.19 -21.13
C PHE A 408 9.66 -1.34 -22.07
N TYR A 409 9.00 -1.47 -23.20
CA TYR A 409 9.37 -2.60 -24.08
C TYR A 409 10.73 -2.31 -24.74
N GLN A 410 11.04 -1.06 -25.02
CA GLN A 410 12.34 -0.73 -25.67
C GLN A 410 13.49 -0.92 -24.68
N ASN A 411 13.23 -0.98 -23.37
CA ASN A 411 14.29 -1.03 -22.35
C ASN A 411 14.23 -2.34 -21.58
N ALA A 412 13.72 -3.40 -22.21
CA ALA A 412 13.66 -4.74 -21.57
C ALA A 412 15.08 -5.29 -21.40
N PHE A 413 16.07 -4.69 -22.05
CA PHE A 413 17.48 -5.16 -21.95
C PHE A 413 18.25 -4.24 -21.00
N TYR A 414 17.52 -3.41 -20.26
CA TYR A 414 18.13 -2.50 -19.26
C TYR A 414 19.24 -3.21 -18.49
N TYR A 415 18.98 -4.39 -17.92
CA TYR A 415 19.93 -5.04 -16.97
C TYR A 415 20.93 -5.98 -17.67
N ASP A 416 20.71 -6.33 -18.94
CA ASP A 416 21.55 -7.35 -19.64
C ASP A 416 23.03 -6.95 -19.64
N GLY A 417 23.34 -5.67 -19.81
CA GLY A 417 24.73 -5.15 -19.97
C GLY A 417 25.38 -4.81 -18.62
N PHE A 418 24.66 -4.93 -17.50
CA PHE A 418 25.23 -4.71 -16.14
C PHE A 418 26.28 -5.77 -15.85
N GLN A 419 27.32 -5.36 -15.15
CA GLN A 419 28.32 -6.26 -14.54
C GLN A 419 27.64 -7.09 -13.47
N ARG A 420 28.01 -8.36 -13.44
CA ARG A 420 27.68 -9.32 -12.36
C ARG A 420 28.82 -9.22 -11.35
N ASN A 421 28.69 -8.30 -10.39
CA ASN A 421 29.79 -8.06 -9.42
C ASN A 421 29.25 -8.06 -8.00
N GLY A 422 28.23 -8.89 -7.74
CA GLY A 422 27.68 -9.11 -6.40
C GLY A 422 26.66 -8.03 -6.03
N THR A 423 26.50 -6.98 -6.85
CA THR A 423 25.47 -5.93 -6.59
C THR A 423 24.13 -6.47 -7.07
N THR A 424 23.07 -6.28 -6.28
CA THR A 424 21.71 -6.69 -6.70
C THR A 424 20.87 -5.43 -6.83
N TYR A 425 19.83 -5.51 -7.65
CA TYR A 425 19.03 -4.35 -8.03
C TYR A 425 17.58 -4.63 -7.69
N PHE A 426 16.96 -3.62 -7.10
CA PHE A 426 15.54 -3.56 -6.72
C PHE A 426 14.90 -2.52 -7.64
N GLU A 427 14.02 -2.99 -8.53
CA GLU A 427 13.27 -2.05 -9.36
C GLU A 427 12.07 -1.61 -8.52
N GLY A 428 12.28 -0.64 -7.61
CA GLY A 428 11.43 -0.44 -6.44
C GLY A 428 10.26 0.47 -6.74
N GLU A 429 10.32 1.15 -7.89
CA GLU A 429 9.25 2.07 -8.30
C GLU A 429 9.27 2.17 -9.82
N TYR A 430 8.30 1.55 -10.47
CA TYR A 430 8.22 1.63 -11.95
C TYR A 430 6.76 1.58 -12.36
N ALA A 431 6.48 2.19 -13.49
CA ALA A 431 5.19 2.13 -14.19
C ALA A 431 5.33 2.87 -15.51
N ALA A 432 4.69 2.37 -16.54
CA ALA A 432 4.31 3.16 -17.73
C ALA A 432 3.15 4.10 -17.33
N ILE A 433 3.43 5.39 -17.24
CA ILE A 433 2.48 6.38 -16.65
C ILE A 433 1.90 7.32 -17.69
N SER A 434 2.52 7.43 -18.88
CA SER A 434 2.12 8.41 -19.94
C SER A 434 2.43 7.87 -21.34
N THR A 435 1.63 8.22 -22.34
CA THR A 435 1.92 7.90 -23.76
C THR A 435 2.71 9.08 -24.35
N ASN A 436 3.07 10.07 -23.56
CA ASN A 436 3.76 11.29 -24.06
C ASN A 436 5.14 11.37 -23.41
N ALA A 437 6.17 10.95 -24.14
CA ALA A 437 7.59 10.98 -23.73
C ALA A 437 7.99 12.41 -23.34
N ASN A 438 7.30 13.42 -23.88
CA ASN A 438 7.68 14.84 -23.67
C ASN A 438 7.07 15.38 -22.37
N ASP A 439 6.10 14.68 -21.78
CA ASP A 439 5.34 15.19 -20.62
C ASP A 439 4.75 13.99 -19.85
N LEU A 440 5.66 13.27 -19.21
CA LEU A 440 5.39 12.03 -18.44
C LEU A 440 4.50 12.39 -17.25
N PHE A 441 4.72 13.55 -16.63
CA PHE A 441 4.08 13.92 -15.34
C PHE A 441 2.92 14.89 -15.55
N GLY A 442 2.45 14.98 -16.79
CA GLY A 442 1.45 15.96 -17.22
C GLY A 442 0.03 15.53 -16.91
N THR A 443 -0.92 16.21 -17.54
CA THR A 443 -2.37 15.94 -17.43
C THR A 443 -2.73 14.74 -18.32
N VAL A 444 -3.91 14.19 -18.09
CA VAL A 444 -4.53 13.12 -18.91
C VAL A 444 -4.70 13.61 -20.36
N ALA A 445 -5.10 14.88 -20.55
CA ALA A 445 -5.22 15.52 -21.88
C ALA A 445 -3.88 15.43 -22.63
N ASP A 446 -2.77 15.57 -21.92
CA ASP A 446 -1.41 15.53 -22.53
C ASP A 446 -0.75 14.14 -22.40
N GLY A 447 -1.54 13.06 -22.30
CA GLY A 447 -1.05 11.67 -22.45
C GLY A 447 -0.87 10.93 -21.12
N ARG A 448 -1.01 11.58 -19.96
CA ARG A 448 -0.97 10.88 -18.65
C ARG A 448 -2.04 9.78 -18.60
N LEU A 449 -1.73 8.58 -18.11
CA LEU A 449 -2.75 7.54 -17.96
C LEU A 449 -3.55 7.72 -16.66
N ALA A 450 -4.87 7.77 -16.73
CA ALA A 450 -5.73 7.90 -15.53
C ALA A 450 -5.75 6.55 -14.79
N PHE A 451 -5.67 5.48 -15.58
CA PHE A 451 -5.58 4.08 -15.13
C PHE A 451 -4.59 3.39 -16.04
N PRO A 452 -3.96 2.29 -15.58
CA PRO A 452 -3.22 1.43 -16.48
C PRO A 452 -4.09 0.98 -17.64
N THR A 453 -3.45 0.81 -18.78
CA THR A 453 -4.11 0.40 -20.05
C THR A 453 -3.52 -0.93 -20.46
N VAL A 454 -4.09 -1.57 -21.45
CA VAL A 454 -3.46 -2.79 -22.02
C VAL A 454 -2.07 -2.40 -22.54
N GLN A 455 -1.95 -1.26 -23.18
CA GLN A 455 -0.65 -0.77 -23.70
C GLN A 455 0.36 -0.71 -22.54
N SER A 456 -0.02 -0.09 -21.42
CA SER A 456 0.94 0.16 -20.32
C SER A 456 1.34 -1.17 -19.68
N ALA A 457 0.38 -2.05 -19.43
CA ALA A 457 0.58 -3.35 -18.78
C ALA A 457 1.49 -4.20 -19.68
N THR A 458 1.30 -4.14 -21.01
CA THR A 458 2.07 -5.01 -21.93
C THR A 458 3.50 -4.49 -22.04
N GLY A 459 3.69 -3.18 -22.04
CA GLY A 459 5.04 -2.59 -22.04
C GLY A 459 5.77 -2.96 -20.78
N GLU A 460 5.09 -2.76 -19.65
CA GLU A 460 5.62 -3.16 -18.33
C GLU A 460 5.95 -4.65 -18.37
N ALA A 461 5.01 -5.48 -18.83
CA ALA A 461 5.25 -6.93 -18.92
C ALA A 461 6.54 -7.22 -19.71
N ALA A 462 6.78 -6.51 -20.82
CA ALA A 462 8.00 -6.78 -21.62
C ALA A 462 9.23 -6.45 -20.77
N PHE A 463 9.16 -5.32 -20.10
CA PHE A 463 10.27 -4.89 -19.21
C PHE A 463 10.50 -5.95 -18.15
N MET A 464 9.40 -6.54 -17.64
CA MET A 464 9.47 -7.54 -16.56
C MET A 464 10.12 -8.82 -17.06
N THR A 465 9.99 -9.21 -18.34
CA THR A 465 10.70 -10.40 -18.86
C THR A 465 12.20 -10.13 -18.76
N GLY A 466 12.60 -8.86 -18.89
CA GLY A 466 14.00 -8.45 -18.73
C GLY A 466 14.43 -8.53 -17.28
N LEU A 467 13.58 -8.10 -16.36
CA LEU A 467 13.87 -8.24 -14.89
C LEU A 467 14.03 -9.71 -14.55
N GLU A 468 13.19 -10.59 -15.11
CA GLU A 468 13.28 -12.03 -14.79
C GLU A 468 14.54 -12.66 -15.39
N ARG A 469 14.83 -12.35 -16.65
CA ARG A 469 16.04 -12.85 -17.33
C ARG A 469 17.25 -12.43 -16.51
N ASN A 470 17.26 -11.20 -16.02
CA ASN A 470 18.39 -10.61 -15.28
C ASN A 470 18.18 -10.77 -13.78
N SER A 471 17.43 -11.77 -13.33
CA SER A 471 17.12 -11.93 -11.88
C SER A 471 18.31 -12.60 -11.19
N ASP A 472 19.41 -12.87 -11.91
CA ASP A 472 20.68 -13.20 -11.21
C ASP A 472 21.06 -11.96 -10.39
N ILE A 473 20.78 -10.77 -10.91
CA ILE A 473 21.14 -9.48 -10.24
C ILE A 473 19.89 -8.69 -9.85
N VAL A 474 18.76 -8.83 -10.53
CA VAL A 474 17.53 -8.09 -10.14
C VAL A 474 16.81 -8.94 -9.12
N PHE A 475 16.72 -8.53 -7.88
CA PHE A 475 16.23 -9.45 -6.83
C PHE A 475 14.75 -9.17 -6.52
N ALA A 476 14.27 -7.99 -6.92
CA ALA A 476 13.00 -7.44 -6.43
C ALA A 476 12.49 -6.39 -7.40
N ALA A 477 11.20 -6.37 -7.64
CA ALA A 477 10.59 -5.38 -8.54
C ALA A 477 9.17 -5.12 -8.11
N SER A 478 8.81 -3.84 -8.01
CA SER A 478 7.46 -3.41 -7.61
C SER A 478 7.00 -2.23 -8.46
N TYR A 479 5.79 -2.38 -9.01
CA TYR A 479 5.01 -1.29 -9.61
C TYR A 479 4.73 -0.27 -8.53
N ALA A 480 4.62 1.00 -8.93
CA ALA A 480 4.23 2.04 -7.98
C ALA A 480 3.50 3.16 -8.71
N PRO A 481 2.52 3.82 -8.08
CA PRO A 481 2.03 3.42 -6.78
C PRO A 481 1.12 2.16 -6.84
N LEU A 482 0.91 1.54 -5.70
CA LEU A 482 0.13 0.28 -5.59
C LEU A 482 -1.36 0.61 -5.59
N LEU A 483 -1.78 1.59 -4.80
CA LEU A 483 -3.20 1.77 -4.42
C LEU A 483 -3.69 3.18 -4.72
N GLN A 484 -4.96 3.31 -5.02
CA GLN A 484 -5.58 4.60 -5.39
C GLN A 484 -7.03 4.61 -4.91
N HIS A 485 -7.32 5.56 -4.04
CA HIS A 485 -8.71 5.96 -3.74
C HIS A 485 -9.12 6.90 -4.88
N VAL A 486 -10.09 6.48 -5.70
CA VAL A 486 -10.51 7.25 -6.91
C VAL A 486 -11.09 8.61 -6.47
N ASN A 487 -11.47 8.79 -5.22
CA ASN A 487 -12.03 10.08 -4.75
C ASN A 487 -10.92 10.95 -4.17
N SER A 488 -9.69 10.43 -4.08
CA SER A 488 -8.57 11.25 -3.57
C SER A 488 -7.27 10.74 -4.15
N THR A 489 -6.99 11.21 -5.37
CA THR A 489 -5.87 10.76 -6.22
C THR A 489 -4.84 11.88 -6.29
N GLN A 490 -3.60 11.62 -5.88
CA GLN A 490 -2.49 12.57 -6.09
C GLN A 490 -1.63 12.07 -7.25
N TRP A 491 -1.81 10.84 -7.70
CA TRP A 491 -0.92 10.18 -8.67
C TRP A 491 -1.69 9.13 -9.41
N THR A 492 -1.58 9.14 -10.74
CA THR A 492 -2.03 8.06 -11.64
C THR A 492 -0.88 7.75 -12.60
N PRO A 493 -0.84 6.55 -13.19
CA PRO A 493 -1.74 5.46 -12.86
C PRO A 493 -1.29 4.67 -11.62
N ASP A 494 -2.20 3.86 -11.12
CA ASP A 494 -2.01 3.08 -9.88
C ASP A 494 -2.42 1.65 -10.15
N LEU A 495 -1.83 0.70 -9.42
CA LEU A 495 -2.02 -0.74 -9.73
C LEU A 495 -3.45 -1.19 -9.41
N VAL A 496 -3.99 -0.69 -8.33
CA VAL A 496 -5.29 -1.15 -7.78
C VAL A 496 -6.02 0.09 -7.32
N SER A 497 -7.23 0.27 -7.80
CA SER A 497 -8.03 1.44 -7.43
C SER A 497 -9.26 0.99 -6.65
N TYR A 498 -9.89 1.93 -5.94
CA TYR A 498 -11.08 1.59 -5.16
C TYR A 498 -11.80 2.89 -4.83
N ASP A 499 -13.06 2.71 -4.49
CA ASP A 499 -13.79 3.74 -3.73
C ASP A 499 -14.15 3.12 -2.38
N ALA A 500 -15.11 3.71 -1.67
CA ALA A 500 -15.50 3.22 -0.33
C ALA A 500 -16.07 1.80 -0.43
N GLY A 501 -16.57 1.40 -1.59
CA GLY A 501 -17.36 0.15 -1.76
C GLY A 501 -16.71 -0.98 -2.53
N SER A 502 -15.79 -0.74 -3.46
CA SER A 502 -15.32 -1.80 -4.37
C SER A 502 -13.92 -1.51 -4.93
N VAL A 503 -13.33 -2.52 -5.50
CA VAL A 503 -11.92 -2.49 -5.94
C VAL A 503 -11.94 -2.64 -7.46
N ILE A 504 -10.99 -2.00 -8.12
CA ILE A 504 -10.77 -2.10 -9.57
C ILE A 504 -9.35 -2.64 -9.71
N LYS A 505 -9.24 -3.83 -10.30
CA LYS A 505 -7.94 -4.45 -10.62
C LYS A 505 -7.51 -4.02 -12.04
N SER A 506 -6.42 -3.26 -12.11
CA SER A 506 -5.86 -2.69 -13.35
C SER A 506 -5.35 -3.79 -14.27
N THR A 507 -5.19 -3.42 -15.52
CA THR A 507 -4.43 -4.22 -16.50
C THR A 507 -3.05 -4.53 -15.90
N SER A 508 -2.40 -3.53 -15.34
CA SER A 508 -1.03 -3.70 -14.82
C SER A 508 -1.09 -4.65 -13.61
N PHE A 509 -2.18 -4.64 -12.83
CA PHE A 509 -2.39 -5.59 -11.71
C PHE A 509 -2.31 -7.00 -12.29
N PHE A 510 -3.09 -7.26 -13.33
CA PHE A 510 -3.11 -8.62 -13.92
C PHE A 510 -1.74 -9.00 -14.48
N ALA A 511 -0.99 -8.06 -15.05
CA ALA A 511 0.39 -8.37 -15.54
C ALA A 511 1.22 -8.77 -14.32
N GLN A 512 1.16 -8.00 -13.24
CA GLN A 512 1.91 -8.28 -11.99
C GLN A 512 1.55 -9.66 -11.46
N LYS A 513 0.26 -10.01 -11.43
CA LYS A 513 -0.25 -11.30 -10.93
C LYS A 513 0.27 -12.40 -11.84
N LEU A 514 0.16 -12.23 -13.15
CA LEU A 514 0.55 -13.29 -14.10
C LEU A 514 2.03 -13.55 -13.93
N PHE A 515 2.83 -12.49 -13.77
CA PHE A 515 4.30 -12.67 -13.63
C PHE A 515 4.60 -13.33 -12.30
N ALA A 516 4.00 -12.87 -11.20
CA ALA A 516 4.33 -13.35 -9.83
C ALA A 516 3.81 -14.78 -9.58
N LEU A 517 2.63 -15.13 -10.05
CA LEU A 517 2.03 -16.45 -9.72
C LEU A 517 2.58 -17.55 -10.61
N ASN A 518 3.28 -17.22 -11.69
CA ASN A 518 3.69 -18.20 -12.72
C ASN A 518 5.21 -18.07 -12.86
N LYS A 519 5.89 -18.43 -11.79
CA LYS A 519 7.32 -18.11 -11.64
C LYS A 519 7.98 -19.29 -10.95
N GLY A 520 8.85 -19.99 -11.65
CA GLY A 520 9.58 -21.11 -11.07
C GLY A 520 10.84 -20.59 -10.38
N ASP A 521 11.57 -21.50 -9.80
CA ASP A 521 12.84 -21.19 -9.10
C ASP A 521 14.02 -21.29 -10.08
N GLN A 522 13.88 -21.90 -11.26
CA GLN A 522 15.00 -22.03 -12.23
C GLN A 522 14.72 -21.04 -13.37
N TYR A 523 15.70 -20.24 -13.77
CA TYR A 523 15.61 -19.44 -15.00
C TYR A 523 16.12 -20.30 -16.15
N LEU A 524 15.29 -20.51 -17.17
CA LEU A 524 15.68 -21.30 -18.36
C LEU A 524 16.03 -20.32 -19.46
N PRO A 525 17.31 -20.25 -19.86
CA PRO A 525 17.69 -19.37 -20.94
C PRO A 525 16.92 -19.84 -22.16
N SER A 526 16.63 -18.89 -23.02
CA SER A 526 15.92 -19.13 -24.29
C SER A 526 16.55 -18.20 -25.29
N THR A 527 16.27 -18.41 -26.57
CA THR A 527 16.54 -17.43 -27.64
C THR A 527 16.22 -16.03 -27.12
N LEU A 528 17.09 -15.05 -27.33
CA LEU A 528 16.87 -13.71 -26.77
C LEU A 528 15.84 -13.03 -27.64
N PRO A 529 14.87 -12.31 -27.03
CA PRO A 529 14.05 -11.39 -27.78
C PRO A 529 14.93 -10.39 -28.52
N THR A 530 14.38 -9.76 -29.54
CA THR A 530 15.00 -8.62 -30.21
C THR A 530 15.06 -7.46 -29.20
N ASN A 531 16.25 -6.95 -28.99
CA ASN A 531 16.52 -5.77 -28.13
C ASN A 531 15.96 -4.52 -28.83
N GLY A 532 14.92 -3.88 -28.29
CA GLY A 532 14.22 -2.77 -28.97
C GLY A 532 12.88 -3.21 -29.56
N GLY A 533 12.64 -4.53 -29.66
CA GLY A 533 11.40 -5.07 -30.25
C GLY A 533 10.22 -5.04 -29.30
N THR A 534 9.02 -5.32 -29.84
CA THR A 534 7.73 -5.33 -29.08
C THR A 534 7.52 -6.68 -28.38
N LEU A 535 8.21 -7.75 -28.80
CA LEU A 535 7.91 -9.11 -28.32
C LEU A 535 9.03 -9.57 -27.39
N HIS A 536 8.66 -10.00 -26.20
CA HIS A 536 9.57 -10.44 -25.15
C HIS A 536 9.00 -11.68 -24.52
N TRP A 537 9.89 -12.49 -23.97
CA TRP A 537 9.46 -13.63 -23.17
C TRP A 537 10.49 -13.91 -22.08
N SER A 538 10.09 -14.73 -21.15
CA SER A 538 10.95 -15.20 -20.05
C SER A 538 10.40 -16.54 -19.60
N ILE A 539 11.27 -17.53 -19.44
CA ILE A 539 10.87 -18.88 -19.06
C ILE A 539 11.56 -19.26 -17.77
N THR A 540 10.76 -19.74 -16.82
CA THR A 540 11.24 -20.30 -15.54
C THR A 540 10.60 -21.67 -15.36
N ARG A 541 11.11 -22.43 -14.42
CA ARG A 541 10.64 -23.81 -14.16
C ARG A 541 10.72 -24.08 -12.67
N ALA A 542 9.69 -24.67 -12.13
CA ALA A 542 9.65 -25.17 -10.73
C ALA A 542 10.43 -26.50 -10.72
N SER A 543 11.58 -26.53 -10.06
CA SER A 543 12.51 -27.70 -10.04
C SER A 543 11.81 -28.89 -9.36
N SER A 544 10.87 -28.64 -8.45
CA SER A 544 10.14 -29.68 -7.67
C SER A 544 9.05 -30.36 -8.53
N SER A 545 8.47 -29.66 -9.50
CA SER A 545 7.28 -30.15 -10.25
C SER A 545 7.55 -30.24 -11.76
N GLY A 546 8.57 -29.53 -12.29
CA GLY A 546 8.77 -29.37 -13.74
C GLY A 546 7.78 -28.40 -14.39
N LYS A 547 6.86 -27.82 -13.62
CA LYS A 547 5.92 -26.77 -14.12
C LYS A 547 6.80 -25.66 -14.68
N THR A 548 6.61 -25.36 -15.95
CA THR A 548 7.48 -24.48 -16.77
C THR A 548 6.58 -23.32 -17.19
N PHE A 549 7.02 -22.11 -16.87
CA PHE A 549 6.20 -20.90 -17.08
C PHE A 549 6.85 -20.10 -18.19
N ILE A 550 6.19 -20.09 -19.33
CA ILE A 550 6.62 -19.29 -20.52
C ILE A 550 5.78 -18.03 -20.50
N LYS A 551 6.39 -16.92 -20.10
CA LYS A 551 5.69 -15.62 -20.05
C LYS A 551 6.06 -14.82 -21.30
N ILE A 552 5.04 -14.33 -21.97
CA ILE A 552 5.18 -13.65 -23.28
C ILE A 552 4.46 -12.32 -23.18
N ALA A 553 5.18 -11.27 -23.52
CA ALA A 553 4.67 -9.90 -23.57
C ALA A 553 4.75 -9.45 -25.03
N ASN A 554 3.58 -9.21 -25.62
CA ASN A 554 3.54 -8.54 -26.94
C ASN A 554 3.08 -7.11 -26.67
N ALA A 555 4.02 -6.16 -26.67
CA ALA A 555 3.79 -4.77 -26.26
C ALA A 555 3.45 -3.90 -27.47
N GLY A 556 3.29 -4.52 -28.64
CA GLY A 556 3.12 -3.80 -29.92
C GLY A 556 1.77 -4.07 -30.55
N SER A 557 1.52 -3.39 -31.65
CA SER A 557 0.18 -3.36 -32.30
C SER A 557 0.03 -4.56 -33.24
N SER A 558 1.04 -5.41 -33.36
CA SER A 558 1.02 -6.53 -34.34
C SER A 558 1.07 -7.85 -33.58
N ALA A 559 0.20 -8.78 -33.91
CA ALA A 559 0.29 -10.18 -33.46
C ALA A 559 1.64 -10.73 -33.93
N GLN A 560 2.21 -11.66 -33.16
CA GLN A 560 3.56 -12.19 -33.44
C GLN A 560 3.52 -13.66 -33.08
N SER A 561 3.87 -14.50 -34.03
CA SER A 561 3.95 -15.96 -33.85
C SER A 561 5.24 -16.31 -33.14
N LEU A 562 5.14 -17.19 -32.14
CA LEU A 562 6.30 -17.84 -31.50
C LEU A 562 6.12 -19.35 -31.64
N THR A 563 7.18 -20.02 -32.07
CA THR A 563 7.28 -21.48 -32.06
C THR A 563 8.28 -21.85 -30.99
N PHE A 564 7.84 -22.56 -29.95
CA PHE A 564 8.71 -23.03 -28.84
C PHE A 564 9.27 -24.39 -29.21
N GLN A 565 10.59 -24.52 -29.07
CA GLN A 565 11.37 -25.77 -29.28
C GLN A 565 11.91 -26.19 -27.91
N LEU A 566 11.42 -27.31 -27.39
CA LEU A 566 11.75 -27.89 -26.06
C LEU A 566 12.38 -29.28 -26.24
N THR A 567 13.06 -29.50 -27.38
CA THR A 567 13.66 -30.80 -27.80
C THR A 567 14.71 -31.24 -26.78
N GLN A 568 15.34 -30.31 -26.06
CA GLN A 568 16.40 -30.64 -25.07
C GLN A 568 15.80 -31.43 -23.89
N PHE A 569 14.52 -31.27 -23.59
CA PHE A 569 13.86 -31.99 -22.45
C PHE A 569 13.62 -33.44 -22.85
N ASN A 570 13.58 -34.35 -21.87
CA ASN A 570 13.24 -35.79 -22.10
C ASN A 570 11.74 -35.85 -22.40
N SER A 571 10.94 -35.06 -21.68
CA SER A 571 9.45 -35.05 -21.79
C SER A 571 8.91 -33.63 -21.66
N VAL A 572 7.86 -33.35 -22.43
CA VAL A 572 7.01 -32.13 -22.23
C VAL A 572 5.57 -32.61 -22.17
N SER A 573 4.76 -32.04 -21.30
CA SER A 573 3.31 -32.34 -21.25
C SER A 573 2.71 -32.15 -22.64
N SER A 574 1.71 -32.97 -22.97
CA SER A 574 1.06 -32.96 -24.30
C SER A 574 0.04 -31.81 -24.31
N THR A 575 -0.33 -31.31 -23.11
CA THR A 575 -1.10 -30.04 -23.03
C THR A 575 -0.45 -29.07 -22.04
N GLY A 576 -0.86 -27.82 -22.18
CA GLY A 576 -0.45 -26.74 -21.29
C GLY A 576 -1.65 -25.85 -21.03
N THR A 577 -1.53 -24.99 -20.06
CA THR A 577 -2.53 -23.94 -19.82
C THR A 577 -2.00 -22.67 -20.46
N LEU A 578 -2.94 -21.90 -20.96
CA LEU A 578 -2.66 -20.54 -21.45
C LEU A 578 -3.49 -19.60 -20.60
N GLN A 579 -2.83 -18.57 -20.09
CA GLN A 579 -3.48 -17.43 -19.46
C GLN A 579 -3.11 -16.20 -20.28
N VAL A 580 -4.12 -15.48 -20.73
CA VAL A 580 -3.83 -14.31 -21.60
C VAL A 580 -4.62 -13.11 -21.10
N LEU A 581 -3.92 -11.99 -20.96
CA LEU A 581 -4.48 -10.66 -20.73
C LEU A 581 -4.26 -9.87 -22.01
N THR A 582 -5.34 -9.49 -22.69
CA THR A 582 -5.22 -8.70 -23.92
C THR A 582 -6.50 -7.88 -24.06
N GLY A 583 -6.46 -6.97 -25.01
CA GLY A 583 -7.62 -6.16 -25.39
C GLY A 583 -7.11 -4.97 -26.19
N PRO A 584 -7.99 -4.00 -26.45
CA PRO A 584 -7.57 -2.82 -27.19
C PRO A 584 -6.47 -2.05 -26.43
N GLU A 585 -5.55 -1.52 -27.20
CA GLU A 585 -4.37 -0.78 -26.74
C GLU A 585 -4.70 0.13 -25.53
N THR A 586 -5.72 0.97 -25.60
CA THR A 586 -5.95 2.04 -24.60
C THR A 586 -7.05 1.60 -23.62
N ALA A 587 -7.47 0.34 -23.68
CA ALA A 587 -8.51 -0.15 -22.75
C ALA A 587 -7.91 -0.25 -21.33
N SER A 588 -8.79 0.03 -20.37
CA SER A 588 -8.53 0.26 -18.95
C SER A 588 -9.64 -0.40 -18.14
N ASN A 589 -9.32 -0.90 -16.96
CA ASN A 589 -10.35 -1.20 -15.93
C ASN A 589 -10.59 0.08 -15.14
N THR A 590 -11.84 0.52 -15.18
CA THR A 590 -12.28 1.80 -14.57
C THR A 590 -13.39 1.51 -13.56
N PRO A 591 -13.70 2.51 -12.70
CA PRO A 591 -14.85 2.41 -11.79
C PRO A 591 -16.13 2.01 -12.54
N GLU A 592 -16.33 2.54 -13.75
CA GLU A 592 -17.56 2.36 -14.54
C GLU A 592 -17.52 0.99 -15.22
N ALA A 593 -16.33 0.50 -15.58
CA ALA A 593 -16.13 -0.82 -16.24
C ALA A 593 -14.97 -1.53 -15.59
N PRO A 594 -15.13 -2.01 -14.34
CA PRO A 594 -14.01 -2.53 -13.56
C PRO A 594 -13.55 -3.90 -14.06
N GLN A 595 -14.34 -4.59 -14.89
CA GLN A 595 -13.89 -5.92 -15.45
C GLN A 595 -13.80 -5.83 -16.98
N ALA A 596 -13.42 -4.68 -17.55
CA ALA A 596 -13.32 -4.56 -19.02
C ALA A 596 -12.28 -5.57 -19.51
N ILE A 597 -11.15 -5.67 -18.81
CA ILE A 597 -9.95 -6.43 -19.25
C ILE A 597 -9.60 -7.36 -18.11
N VAL A 598 -9.79 -8.66 -18.35
CA VAL A 598 -9.46 -9.68 -17.32
C VAL A 598 -8.84 -10.86 -18.05
N PRO A 599 -7.91 -11.57 -17.40
CA PRO A 599 -7.23 -12.69 -18.00
C PRO A 599 -8.23 -13.80 -18.33
N LYS A 600 -7.91 -14.58 -19.33
CA LYS A 600 -8.71 -15.75 -19.74
C LYS A 600 -7.77 -16.94 -19.72
N THR A 601 -8.28 -18.05 -19.20
CA THR A 601 -7.53 -19.32 -19.07
C THR A 601 -8.11 -20.30 -20.08
N SER A 602 -7.23 -21.02 -20.77
CA SER A 602 -7.65 -22.13 -21.65
C SER A 602 -6.61 -23.24 -21.59
N THR A 603 -6.89 -24.30 -22.32
CA THR A 603 -5.96 -25.41 -22.54
C THR A 603 -5.46 -25.41 -23.97
N ILE A 604 -4.15 -25.48 -24.16
CA ILE A 604 -3.53 -25.57 -25.49
C ILE A 604 -2.75 -26.87 -25.60
N GLY A 605 -2.60 -27.29 -26.83
CA GLY A 605 -1.81 -28.48 -27.17
C GLY A 605 -0.35 -28.11 -27.14
N THR A 606 0.47 -28.93 -26.49
N THR A 606 0.46 -28.96 -26.51
CA THR A 606 1.92 -28.65 -26.33
CA THR A 606 1.89 -28.67 -26.23
C THR A 606 2.69 -29.95 -26.51
C THR A 606 2.69 -29.96 -26.46
N GLY A 607 4.00 -29.87 -26.32
CA GLY A 607 4.94 -30.98 -26.55
C GLY A 607 6.27 -30.32 -26.82
N LYS A 608 7.15 -30.99 -27.53
CA LYS A 608 8.52 -30.45 -27.69
C LYS A 608 8.52 -29.32 -28.71
N THR A 609 7.47 -29.20 -29.52
CA THR A 609 7.24 -28.06 -30.43
C THR A 609 5.77 -27.64 -30.30
N PHE A 610 5.51 -26.35 -30.23
CA PHE A 610 4.13 -25.81 -30.36
C PHE A 610 4.29 -24.35 -30.75
N THR A 611 3.25 -23.83 -31.41
CA THR A 611 3.23 -22.48 -31.94
C THR A 611 2.10 -21.72 -31.27
N TYR A 612 2.43 -20.53 -30.80
CA TYR A 612 1.47 -19.61 -30.19
C TYR A 612 1.53 -18.27 -30.91
N ASN A 613 0.36 -17.75 -31.30
CA ASN A 613 0.27 -16.42 -31.91
C ASN A 613 -0.01 -15.44 -30.78
N ALA A 614 1.01 -14.72 -30.33
CA ALA A 614 0.80 -13.68 -29.30
C ALA A 614 0.08 -12.50 -29.91
N PRO A 615 -1.16 -12.23 -29.47
CA PRO A 615 -1.89 -11.09 -30.01
C PRO A 615 -1.17 -9.79 -29.67
N ALA A 616 -1.49 -8.80 -30.48
CA ALA A 616 -1.10 -7.40 -30.23
C ALA A 616 -1.52 -7.11 -28.79
N PHE A 617 -0.68 -6.39 -28.07
CA PHE A 617 -1.01 -5.88 -26.72
C PHE A 617 -1.55 -7.02 -25.87
N SER A 618 -0.69 -8.02 -25.62
CA SER A 618 -1.07 -9.19 -24.82
C SER A 618 0.03 -9.53 -23.84
N VAL A 619 -0.39 -10.05 -22.70
CA VAL A 619 0.47 -10.76 -21.74
C VAL A 619 -0.03 -12.18 -21.73
N SER A 620 0.85 -13.12 -22.02
CA SER A 620 0.47 -14.53 -22.09
C SER A 620 1.38 -15.34 -21.16
N VAL A 621 0.79 -16.27 -20.42
CA VAL A 621 1.57 -17.29 -19.66
C VAL A 621 1.15 -18.63 -20.19
N ILE A 622 2.13 -19.38 -20.67
CA ILE A 622 1.92 -20.79 -21.09
C ILE A 622 2.64 -21.67 -20.07
N THR A 623 1.88 -22.55 -19.44
CA THR A 623 2.41 -23.43 -18.39
C THR A 623 2.38 -24.86 -18.93
N VAL A 624 3.54 -25.49 -19.04
CA VAL A 624 3.71 -26.92 -19.44
C VAL A 624 4.52 -27.60 -18.35
N THR A 625 4.50 -28.93 -18.29
CA THR A 625 5.40 -29.72 -17.44
C THR A 625 6.54 -30.23 -18.31
N THR A 626 7.76 -29.95 -17.89
CA THR A 626 8.99 -30.39 -18.58
C THR A 626 9.82 -31.19 -17.58
N ASN A 627 10.40 -32.29 -18.04
CA ASN A 627 11.40 -33.08 -17.28
C ASN A 627 12.51 -33.42 -18.28
C1 NAG B . 29.65 -3.21 -10.56
C2 NAG B . 30.66 -2.30 -9.81
C3 NAG B . 30.39 -0.83 -10.12
C4 NAG B . 30.23 -0.59 -11.65
C5 NAG B . 29.12 -1.55 -12.21
C6 NAG B . 28.56 -1.59 -13.69
C7 NAG B . 31.41 -3.37 -7.76
C8 NAG B . 31.03 -3.73 -6.34
N2 NAG B . 30.57 -2.56 -8.40
O3 NAG B . 31.41 -0.09 -9.43
O4 NAG B . 29.86 0.77 -11.83
O5 NAG B . 29.62 -2.84 -11.92
O6 NAG B . 27.22 -2.28 -13.93
O7 NAG B . 32.39 -3.83 -8.31
H1 NAG B . 28.67 -3.05 -10.11
H2 NAG B . 31.68 -2.54 -10.17
H3 NAG B . 29.43 -0.59 -9.67
H4 NAG B . 31.19 -0.81 -12.15
H5 NAG B . 28.24 -1.37 -11.58
H61 NAG B . 29.32 -2.05 -14.33
H62 NAG B . 28.46 -0.55 -14.04
H81 NAG B . 30.10 -4.23 -6.34
H82 NAG B . 31.78 -4.35 -5.92
H83 NAG B . 30.95 -2.84 -5.78
HN2 NAG B . 29.78 -2.19 -7.90
HO3 NAG B . 31.22 0.86 -9.50
HO6 NAG B . 27.00 -2.24 -14.88
C1 NAG B . 30.90 1.73 -11.95
C2 NAG B . 30.29 2.84 -12.81
C3 NAG B . 31.18 4.06 -12.91
C4 NAG B . 31.53 4.59 -11.51
C5 NAG B . 32.17 3.43 -10.69
C6 NAG B . 32.40 3.90 -9.23
C7 NAG B . 28.68 2.25 -14.57
C8 NAG B . 28.49 1.71 -15.97
N2 NAG B . 29.93 2.29 -14.11
O3 NAG B . 30.50 5.06 -13.71
O4 NAG B . 32.32 5.83 -11.49
O5 NAG B . 31.34 2.25 -10.67
O6 NAG B . 32.67 2.81 -8.33
O7 NAG B . 27.72 2.61 -13.92
H1 NAG B . 31.75 1.31 -12.49
H2 NAG B . 29.37 3.16 -12.31
H3 NAG B . 32.12 3.77 -13.42
H4 NAG B . 30.57 4.81 -11.02
H5 NAG B . 33.15 3.19 -11.13
H61 NAG B . 31.51 4.43 -8.89
H62 NAG B . 33.25 4.59 -9.21
H81 NAG B . 28.86 0.71 -16.01
H82 NAG B . 27.47 1.72 -16.22
H83 NAG B . 29.03 2.31 -16.65
HN2 NAG B . 30.68 1.96 -14.69
HO3 NAG B . 31.07 5.84 -13.81
HO4 NAG B . 32.40 6.15 -10.57
HO6 NAG B . 32.80 3.17 -7.44
C1 NAG C . -15.89 9.02 -6.28
C2 NAG C . -17.07 9.94 -6.36
C3 NAG C . -18.22 9.29 -7.09
C4 NAG C . -17.72 8.66 -8.39
C5 NAG C . -16.51 7.76 -8.14
C6 NAG C . -15.91 7.12 -9.39
C7 NAG C . -17.41 11.56 -4.58
C8 NAG C . -17.97 11.84 -3.23
N2 NAG C . -17.49 10.30 -5.03
O3 NAG C . -19.20 10.32 -7.37
O4 NAG C . -18.83 7.94 -9.01
O5 NAG C . -15.48 8.54 -7.56
O6 NAG C . -15.29 8.11 -10.26
O7 NAG C . -16.94 12.46 -5.25
H1 NAG C . -16.22 8.15 -5.68
H2 NAG C . -16.77 10.84 -6.93
H3 NAG C . -18.65 8.50 -6.46
H4 NAG C . -17.39 9.49 -9.02
H5 NAG C . -16.81 6.96 -7.46
H61 NAG C . -16.67 6.58 -9.94
H62 NAG C . -15.14 6.39 -9.09
H81 NAG C . -17.47 11.24 -2.51
H82 NAG C . -17.84 12.86 -3.00
H83 NAG C . -19.00 11.59 -3.22
HN2 NAG C . -17.89 9.58 -4.44
HO3 NAG C . -19.95 9.93 -7.83
HO6 NAG C . -14.91 7.66 -11.03
C1 NAG C . -18.89 8.38 -10.38
C2 NAG C . -19.73 7.36 -11.13
C3 NAG C . -20.13 7.78 -12.56
C4 NAG C . -20.70 9.20 -12.53
C5 NAG C . -19.50 10.02 -12.01
C6 NAG C . -19.48 11.54 -12.21
C7 NAG C . -19.38 5.07 -10.45
C8 NAG C . -18.72 3.75 -10.71
N2 NAG C . -19.01 6.10 -11.18
O3 NAG C . -21.05 6.81 -13.03
O4 NAG C . -21.31 9.60 -13.79
O5 NAG C . -19.42 9.69 -10.59
O6 NAG C . -20.23 12.20 -11.19
O7 NAG C . -20.26 5.17 -9.63
H1 NAG C . -17.88 8.33 -10.82
H2 NAG C . -20.66 7.22 -10.56
H3 NAG C . -19.23 7.76 -13.20
H4 NAG C . -21.48 9.24 -11.76
H5 NAG C . -18.59 9.64 -12.51
H61 NAG C . -19.90 11.78 -13.18
H62 NAG C . -18.45 11.91 -12.19
H81 NAG C . -17.68 3.84 -10.53
H82 NAG C . -19.12 3.02 -10.06
H83 NAG C . -18.88 3.45 -11.71
HN2 NAG C . -18.27 6.01 -11.86
HO3 NAG C . -21.31 7.02 -13.94
HO4 NAG C . -21.64 10.51 -13.71
HO6 NAG C . -20.20 13.16 -11.34
C1 NAG D . 9.86 8.60 18.66
C2 NAG D . 9.21 9.70 19.48
C3 NAG D . 10.01 10.96 19.31
C4 NAG D . 11.48 10.73 19.61
C5 NAG D . 12.03 9.57 18.81
C6 NAG D . 13.45 9.24 19.25
C7 NAG D . 6.78 9.78 19.83
C8 NAG D . 5.39 10.21 19.41
N2 NAG D . 7.82 10.00 19.02
O3 NAG D . 9.49 11.92 20.20
O4 NAG D . 12.13 11.89 19.16
O5 NAG D . 11.21 8.45 19.04
O6 NAG D . 13.92 8.14 18.44
O7 NAG D . 6.94 9.16 20.87
H1 NAG D . 9.80 8.91 17.61
H2 NAG D . 9.22 9.41 20.55
H3 NAG D . 9.91 11.30 18.29
H4 NAG D . 11.62 10.55 20.70
H5 NAG D . 12.04 9.84 17.74
H61 NAG D . 13.45 8.95 20.31
H62 NAG D . 14.10 10.11 19.12
H81 NAG D . 5.10 9.71 18.53
H82 NAG D . 4.70 9.97 20.19
H83 NAG D . 5.38 11.26 19.25
HN2 NAG D . 7.69 10.47 18.14
HO3 NAG D . 9.97 12.75 20.09
HO6 NAG D . 14.82 7.90 18.70
C1 NAG D . 12.90 12.50 20.18
C2 NAG D . 13.91 13.44 19.52
C3 NAG D . 14.70 14.15 20.60
C4 NAG D . 13.69 14.84 21.51
C5 NAG D . 12.70 13.86 22.10
C6 NAG D . 11.66 14.55 22.99
C7 NAG D . 14.71 12.53 17.43
C8 NAG D . 15.68 11.55 16.81
N2 NAG D . 14.88 12.73 18.72
O3 NAG D . 15.57 15.11 19.95
O4 NAG D . 14.47 15.51 22.52
O5 NAG D . 12.01 13.20 21.02
O6 NAG D . 10.94 15.49 22.17
O7 NAG D . 13.80 13.02 16.81
H1 NAG D . 13.45 11.75 20.76
H2 NAG D . 13.38 14.18 18.91
H3 NAG D . 15.29 13.43 21.19
H4 NAG D . 13.15 15.57 20.89
H5 NAG D . 13.25 13.12 22.70
H61 NAG D . 12.15 15.06 23.82
H62 NAG D . 10.97 13.81 23.40
H81 NAG D . 15.61 10.61 17.30
H82 NAG D . 15.46 11.43 15.79
H83 NAG D . 16.66 11.94 16.92
HN2 NAG D . 15.66 12.30 19.20
HO3 NAG D . 16.06 15.61 20.62
HO6 NAG D . 10.28 15.94 22.72
C1 BMA D . 14.23 16.95 22.56
C2 BMA D . 14.47 17.38 24.01
C3 BMA D . 14.35 18.89 24.26
C4 BMA D . 15.22 19.61 23.19
C5 BMA D . 14.90 19.14 21.75
C6 BMA D . 15.65 19.92 20.62
O2 BMA D . 15.78 16.93 24.36
O3 BMA D . 14.63 19.14 25.67
O4 BMA D . 15.00 21.02 23.19
O5 BMA D . 15.08 17.70 21.67
O6 BMA D . 17.08 20.16 20.77
H1 BMA D . 13.18 17.16 22.32
H2 BMA D . 13.72 16.87 24.64
H3 BMA D . 13.30 19.17 24.06
H4 BMA D . 16.28 19.41 23.41
H5 BMA D . 13.83 19.34 21.60
H61 BMA D . 15.16 20.88 20.49
H62 BMA D . 15.50 19.37 19.68
HO2 BMA D . 15.85 15.98 24.19
HO3 BMA D . 14.03 18.62 26.22
HO4 BMA D . 15.17 21.39 24.07
HO6 BMA D . 17.38 19.79 21.60
C1 NAG E . -25.00 -2.62 20.62
C2 NAG E . -25.53 -3.94 20.10
C3 NAG E . -25.31 -5.01 21.15
C4 NAG E . -23.85 -5.09 21.52
C5 NAG E . -23.43 -3.69 21.91
C6 NAG E . -21.96 -3.56 22.24
C7 NAG E . -27.43 -3.60 18.59
C8 NAG E . -28.92 -3.48 18.51
N2 NAG E . -26.96 -3.82 19.82
O3 NAG E . -25.63 -6.27 20.58
O4 NAG E . -23.64 -5.97 22.62
O5 NAG E . -23.66 -2.86 20.81
O6 NAG E . -21.15 -3.96 21.15
O7 NAG E . -26.72 -3.51 17.58
H1 NAG E . -25.49 -2.40 21.58
H2 NAG E . -24.99 -4.21 19.19
H3 NAG E . -25.92 -4.81 22.03
H4 NAG E . -23.28 -5.42 20.64
H5 NAG E . -24.01 -3.37 22.79
H61 NAG E . -21.73 -4.19 23.11
H62 NAG E . -21.74 -2.53 22.52
H81 NAG E . -29.24 -2.66 19.12
H82 NAG E . -29.22 -3.30 17.51
H83 NAG E . -29.38 -4.37 18.86
HN2 NAG E . -27.59 -3.89 20.60
HO3 NAG E . -25.48 -6.96 21.23
HO6 NAG E . -20.21 -3.87 21.38
C1 NAG E . -22.59 -6.93 22.37
C2 NAG E . -22.14 -7.54 23.71
C3 NAG E . -21.00 -8.51 23.50
C4 NAG E . -21.39 -9.59 22.51
C5 NAG E . -21.95 -8.93 21.25
C6 NAG E . -22.45 -9.98 20.27
C7 NAG E . -22.64 -5.94 25.48
C8 NAG E . -22.07 -4.93 26.46
N2 NAG E . -21.74 -6.52 24.68
O3 NAG E . -20.65 -9.13 24.75
O4 NAG E . -20.21 -10.37 22.28
O5 NAG E . -23.02 -8.04 21.55
O6 NAG E . -23.67 -10.47 20.80
O7 NAG E . -23.83 -6.22 25.40
H1 NAG E . -21.73 -6.44 21.91
H2 NAG E . -22.98 -8.10 24.13
H3 NAG E . -20.13 -7.97 23.10
H4 NAG E . -22.18 -10.22 22.97
H5 NAG E . -21.13 -8.37 20.77
H61 NAG E . -21.73 -10.79 20.17
H62 NAG E . -22.62 -9.52 19.30
H81 NAG E . -21.60 -4.15 25.92
H82 NAG E . -22.86 -4.53 27.04
H83 NAG E . -21.37 -5.40 27.09
HN2 NAG E . -20.76 -6.28 24.76
HO3 NAG E . -19.90 -9.73 24.62
HO4 NAG E . -20.40 -11.08 21.66
HO6 NAG E . -24.05 -11.14 20.20
CL CL F . 4.06 5.04 -25.60
C1 LX5 G . 7.49 8.49 -6.63
C2 LX5 G . 8.75 7.83 -6.12
C6 LX5 G . 5.07 7.72 -6.00
C5 LX5 G . 6.42 8.32 -5.55
C3 LX5 G . 8.66 7.74 -4.63
C4 LX5 G . 7.15 7.60 -4.43
O7 LX5 G . 5.20 6.36 -6.42
O8 LX5 G . 6.69 8.31 -3.27
O9 LX5 G . 9.47 6.69 -4.08
O10 LX5 G . 8.00 9.82 -6.65
S11 LX5 G . 7.63 10.76 -7.74
O12 LX5 G . 6.20 10.74 -7.38
O13 LX5 G . 8.27 12.07 -7.63
O14 LX5 G . 8.07 10.08 -8.99
H1 LX5 G . 7.17 8.12 -7.61
H21 LX5 G . 9.59 8.47 -6.37
H2 LX5 G . 8.97 6.88 -6.53
H6 LX5 G . 4.67 8.31 -6.82
H61 LX5 G . 4.36 7.77 -5.17
H5 LX5 G . 6.19 9.32 -5.18
H3 LX5 G . 8.98 8.69 -4.20
H4 LX5 G . 6.86 6.54 -4.39
HO7 LX5 G . 4.34 6.01 -6.69
HO8 LX5 G . 5.74 8.21 -3.19
HO9 LX5 G . 9.38 6.67 -3.12
#